data_1PVQ
#
_entry.id   1PVQ
#
_cell.length_a   107.410
_cell.length_b   121.350
_cell.length_c   180.610
_cell.angle_alpha   90.00
_cell.angle_beta   90.00
_cell.angle_gamma   90.00
#
_symmetry.space_group_name_H-M   'C 2 2 21'
#
loop_
_entity.id
_entity.type
_entity.pdbx_description
1 polymer 'DNA 34-MER'
2 polymer 'DNA 34-MER'
3 polymer 'Recombinase cre'
4 water water
#
loop_
_entity_poly.entity_id
_entity_poly.type
_entity_poly.pdbx_seq_one_letter_code
_entity_poly.pdbx_strand_id
1 'polydeoxyribonucleotide'
;(DA)(DT)(DA)(DA)(DC)(DT)(DC)(DT)(DA)(DT)(DA)(DT)(DA)(DA)(DT)(DG)(DT)(DA)(DT)(DG)
(DC)(DT)(DA)(DT)(DA)(DT)(DA)(DG)(DA)(DG)(DT)(DT)(DA)(DT)
;
C
2 'polydeoxyribonucleotide'
;(DA)(DT)(DA)(DA)(DC)(DT)(DC)(DT)(DA)(DT)(DA)(DT)(DA)(DG)(DC)(DA)(DT)(DA)(DC)(DA)
(DT)(DT)(DA)(DT)(DA)(DT)(DA)(DG)(DA)(DG)(DT)(DT)(DA)(DT)
;
D
3 'polypeptide(L)'
;MHHHHHHSNLLTVHQNLPALPVDATSDEVRKNLMDMFRDRQAFSEHTWKMLLSVCRSWAAWCKLNNRKWFPAEPEDVRDY
LLYLQARGLAVKTIQQHLGQLNMLHRRSGLPRPSDSNAVSLVMRRIRKENVDAGERAKQALAFERTDFDQVRSLMENSDR
CQDIRNLAFLGIAYNTLLRLAEIARIRVKDISRTDGGRMLIHIGRTKTLVSTAGVEKALSLGVTKLVERWISVSGVADDP
NNYLFCRVRKNGVAAPSATSQLSNSALGGIFGATHRLIYGAKDDSGQRYLAWSGHSARVGAARDMARAGVSIPEIMQAGG
WTNVNIVMNYIRNLDSETGAMVRLLEDGD
;
A,B
#
# COMPACT_ATOMS: atom_id res chain seq x y z
N THR C 25 -19.16 -31.16 -9.79
CA THR C 25 -20.13 -31.68 -10.75
C THR C 25 -20.84 -30.54 -11.45
N SER C 26 -21.73 -30.87 -12.38
CA SER C 26 -22.49 -29.86 -13.09
C SER C 26 -23.25 -29.03 -12.08
N ASP C 27 -23.43 -29.57 -10.87
CA ASP C 27 -24.13 -28.86 -9.79
C ASP C 27 -23.15 -28.13 -8.90
N GLU C 28 -21.98 -28.74 -8.69
CA GLU C 28 -20.92 -28.10 -7.94
C GLU C 28 -20.52 -26.86 -8.74
N VAL C 29 -20.46 -27.05 -10.06
CA VAL C 29 -20.10 -25.98 -11.00
C VAL C 29 -21.16 -24.89 -11.12
N ARG C 30 -22.42 -25.29 -11.11
CA ARG C 30 -23.52 -24.33 -11.24
C ARG C 30 -23.54 -23.47 -9.99
N LYS C 31 -23.30 -24.08 -8.84
CA LYS C 31 -23.30 -23.34 -7.58
C LYS C 31 -22.12 -22.36 -7.61
N ASN C 32 -21.03 -22.83 -8.22
CA ASN C 32 -19.80 -22.07 -8.35
C ASN C 32 -19.89 -20.84 -9.27
N LEU C 33 -20.60 -20.95 -10.38
CA LEU C 33 -20.79 -19.82 -11.27
C LEU C 33 -21.79 -18.85 -10.65
N MET C 34 -22.71 -19.37 -9.86
CA MET C 34 -23.67 -18.51 -9.18
C MET C 34 -22.95 -17.64 -8.12
N ASP C 35 -21.96 -18.24 -7.44
CA ASP C 35 -21.16 -17.53 -6.43
C ASP C 35 -20.41 -16.38 -7.10
N MET C 36 -19.84 -16.69 -8.27
CA MET C 36 -19.08 -15.75 -9.08
C MET C 36 -19.94 -14.52 -9.38
N PHE C 37 -21.14 -14.78 -9.86
CA PHE C 37 -22.04 -13.70 -10.24
C PHE C 37 -22.55 -12.90 -9.04
N ARG C 38 -22.79 -13.60 -7.94
CA ARG C 38 -23.31 -12.98 -6.73
C ARG C 38 -22.31 -12.00 -6.13
N ASP C 39 -21.04 -12.38 -6.15
CA ASP C 39 -19.97 -11.54 -5.62
C ASP C 39 -19.07 -11.10 -6.78
N ARG C 40 -19.70 -10.57 -7.83
CA ARG C 40 -18.98 -10.10 -9.02
C ARG C 40 -18.23 -8.79 -8.72
N GLN C 41 -18.71 -8.07 -7.71
CA GLN C 41 -18.07 -6.86 -7.26
C GLN C 41 -16.79 -7.24 -6.50
N ALA C 42 -16.28 -8.44 -6.74
CA ALA C 42 -15.05 -8.89 -6.09
C ALA C 42 -13.87 -8.70 -7.05
N PHE C 43 -14.19 -8.21 -8.24
CA PHE C 43 -13.18 -7.93 -9.26
C PHE C 43 -13.55 -6.63 -9.94
N SER C 44 -12.58 -6.02 -10.61
CA SER C 44 -12.80 -4.77 -11.31
C SER C 44 -13.61 -5.00 -12.59
N GLU C 45 -14.34 -3.97 -13.00
CA GLU C 45 -15.06 -3.92 -14.26
C GLU C 45 -14.12 -4.53 -15.31
N HIS C 46 -12.88 -4.04 -15.28
CA HIS C 46 -11.83 -4.35 -16.24
C HIS C 46 -11.44 -5.78 -16.30
N THR C 47 -11.35 -6.36 -15.11
CA THR C 47 -10.97 -7.75 -15.02
C THR C 47 -12.04 -8.56 -15.70
N TRP C 48 -13.31 -8.24 -15.41
CA TRP C 48 -14.45 -8.91 -16.01
C TRP C 48 -14.45 -8.81 -17.53
N LYS C 49 -14.15 -7.61 -18.02
CA LYS C 49 -14.04 -7.34 -19.45
C LYS C 49 -12.99 -8.25 -20.05
N MET C 50 -11.82 -8.34 -19.43
CA MET C 50 -10.78 -9.21 -19.94
C MET C 50 -11.20 -10.69 -19.90
N LEU C 51 -11.84 -11.10 -18.79
CA LEU C 51 -12.31 -12.48 -18.71
C LEU C 51 -13.30 -12.77 -19.83
N LEU C 52 -14.27 -11.88 -20.01
CA LEU C 52 -15.29 -12.03 -21.06
C LEU C 52 -14.65 -12.10 -22.45
N SER C 53 -13.67 -11.22 -22.66
CA SER C 53 -12.98 -11.14 -23.94
C SER C 53 -12.26 -12.44 -24.23
N VAL C 54 -11.53 -12.98 -23.26
CA VAL C 54 -10.77 -14.21 -23.46
C VAL C 54 -11.64 -15.43 -23.77
N CYS C 55 -12.76 -15.54 -23.07
CA CYS C 55 -13.69 -16.65 -23.24
C CYS C 55 -14.34 -16.57 -24.61
N ARG C 56 -14.60 -15.35 -25.06
CA ARG C 56 -15.22 -15.15 -26.38
C ARG C 56 -14.28 -15.66 -27.47
N SER C 57 -12.98 -15.50 -27.25
CA SER C 57 -11.97 -15.88 -28.22
C SER C 57 -11.67 -17.35 -28.17
N TRP C 58 -11.66 -17.87 -26.96
CA TRP C 58 -11.37 -19.29 -26.72
C TRP C 58 -12.58 -20.04 -27.27
N ALA C 59 -13.77 -19.50 -27.02
CA ALA C 59 -14.99 -20.14 -27.46
C ALA C 59 -15.12 -20.21 -28.97
N ALA C 60 -14.78 -19.11 -29.64
CA ALA C 60 -14.88 -19.04 -31.09
C ALA C 60 -13.95 -20.04 -31.74
N TRP C 61 -12.72 -20.14 -31.22
CA TRP C 61 -11.68 -21.06 -31.69
C TRP C 61 -12.04 -22.52 -31.46
N CYS C 62 -12.74 -22.77 -30.36
CA CYS C 62 -13.14 -24.11 -30.01
C CYS C 62 -14.24 -24.60 -30.96
N LYS C 63 -15.07 -23.67 -31.43
CA LYS C 63 -16.14 -23.96 -32.37
C LYS C 63 -15.49 -24.31 -33.71
N LEU C 64 -14.70 -23.35 -34.17
CA LEU C 64 -13.94 -23.43 -35.41
C LEU C 64 -13.17 -24.74 -35.50
N ASN C 65 -12.48 -25.10 -34.43
CA ASN C 65 -11.66 -26.30 -34.42
C ASN C 65 -12.30 -27.53 -33.77
N ASN C 66 -13.63 -27.52 -33.74
CA ASN C 66 -14.43 -28.63 -33.21
C ASN C 66 -13.95 -29.20 -31.87
N ARG C 67 -14.01 -28.38 -30.83
CA ARG C 67 -13.65 -28.79 -29.46
C ARG C 67 -14.58 -28.16 -28.43
N LYS C 68 -14.50 -28.63 -27.19
CA LYS C 68 -15.34 -28.13 -26.09
C LYS C 68 -14.62 -27.02 -25.32
N TRP C 69 -15.33 -25.92 -25.07
CA TRP C 69 -14.73 -24.76 -24.44
C TRP C 69 -14.83 -24.69 -22.92
N PHE C 70 -15.73 -25.50 -22.36
CA PHE C 70 -15.92 -25.61 -20.92
C PHE C 70 -16.49 -26.99 -20.66
N PRO C 71 -15.75 -27.86 -19.98
CA PRO C 71 -14.47 -27.56 -19.39
C PRO C 71 -13.32 -27.64 -20.38
N ALA C 72 -12.28 -26.86 -20.15
CA ALA C 72 -11.14 -26.82 -21.05
C ALA C 72 -10.24 -28.03 -20.92
N GLU C 73 -9.89 -28.64 -22.04
CA GLU C 73 -8.96 -29.77 -22.05
C GLU C 73 -7.57 -29.27 -22.34
N PRO C 74 -6.60 -29.79 -21.60
CA PRO C 74 -5.21 -29.40 -21.72
C PRO C 74 -4.69 -29.39 -23.16
N GLU C 75 -4.85 -30.48 -23.89
CA GLU C 75 -4.38 -30.52 -25.27
C GLU C 75 -4.97 -29.37 -26.09
N ASP C 76 -6.24 -29.09 -25.86
CA ASP C 76 -6.92 -28.03 -26.59
C ASP C 76 -6.37 -26.65 -26.26
N VAL C 77 -6.18 -26.36 -24.97
CA VAL C 77 -5.63 -25.06 -24.58
C VAL C 77 -4.23 -24.94 -25.12
N ARG C 78 -3.55 -26.07 -25.24
CA ARG C 78 -2.20 -26.07 -25.79
C ARG C 78 -2.30 -25.70 -27.27
N ASP C 79 -3.27 -26.28 -27.96
CA ASP C 79 -3.50 -25.95 -29.37
C ASP C 79 -3.81 -24.46 -29.58
N TYR C 80 -4.56 -23.87 -28.64
CA TYR C 80 -4.99 -22.48 -28.70
C TYR C 80 -3.86 -21.48 -28.45
N LEU C 81 -2.94 -21.84 -27.55
CA LEU C 81 -1.85 -20.95 -27.18
C LEU C 81 -0.83 -20.88 -28.30
N LEU C 82 -0.71 -21.99 -29.03
CA LEU C 82 0.16 -22.04 -30.20
C LEU C 82 -0.52 -21.22 -31.30
N TYR C 83 -1.84 -21.32 -31.37
CA TYR C 83 -2.63 -20.54 -32.31
C TYR C 83 -2.42 -19.05 -32.04
N LEU C 84 -2.32 -18.70 -30.76
CA LEU C 84 -2.17 -17.30 -30.40
C LEU C 84 -0.79 -16.79 -30.74
N GLN C 85 0.22 -17.63 -30.51
CA GLN C 85 1.59 -17.23 -30.80
C GLN C 85 1.75 -17.08 -32.32
N ALA C 86 1.15 -18.01 -33.07
CA ALA C 86 1.15 -17.98 -34.52
C ALA C 86 0.37 -16.76 -34.99
N ARG C 87 -0.49 -16.27 -34.12
CA ARG C 87 -1.28 -15.09 -34.40
C ARG C 87 -0.31 -13.93 -34.22
N GLY C 88 0.92 -14.26 -33.91
CA GLY C 88 1.93 -13.24 -33.72
C GLY C 88 1.59 -12.38 -32.51
N LEU C 89 1.05 -13.02 -31.47
CA LEU C 89 0.69 -12.33 -30.24
C LEU C 89 1.84 -12.37 -29.24
N ALA C 90 1.86 -11.40 -28.35
CA ALA C 90 2.96 -11.30 -27.39
C ALA C 90 2.86 -12.35 -26.31
N VAL C 91 3.99 -12.67 -25.69
CA VAL C 91 4.04 -13.63 -24.61
C VAL C 91 3.14 -13.17 -23.46
N LYS C 92 3.13 -11.87 -23.20
CA LYS C 92 2.32 -11.32 -22.12
C LYS C 92 0.82 -11.41 -22.40
N THR C 93 0.46 -11.48 -23.69
CA THR C 93 -0.94 -11.56 -24.06
C THR C 93 -1.42 -13.02 -24.04
N ILE C 94 -0.52 -13.94 -24.38
CA ILE C 94 -0.84 -15.37 -24.33
C ILE C 94 -0.98 -15.78 -22.86
N GLN C 95 -0.28 -15.05 -21.99
CA GLN C 95 -0.39 -15.28 -20.57
C GLN C 95 -1.80 -14.91 -20.14
N GLN C 96 -2.19 -13.66 -20.38
CA GLN C 96 -3.52 -13.20 -19.98
C GLN C 96 -4.58 -14.21 -20.37
N HIS C 97 -4.42 -14.78 -21.56
CA HIS C 97 -5.36 -15.77 -22.06
C HIS C 97 -5.46 -17.04 -21.22
N LEU C 98 -4.31 -17.60 -20.85
CA LEU C 98 -4.27 -18.81 -20.05
C LEU C 98 -4.71 -18.39 -18.66
N GLY C 99 -4.28 -17.19 -18.30
CA GLY C 99 -4.53 -16.64 -17.00
C GLY C 99 -6.00 -16.59 -16.71
N GLN C 100 -6.77 -15.97 -17.60
CA GLN C 100 -8.22 -15.85 -17.41
C GLN C 100 -8.87 -17.23 -17.43
N LEU C 101 -8.43 -18.09 -18.34
CA LEU C 101 -8.97 -19.43 -18.44
C LEU C 101 -8.74 -20.18 -17.12
N ASN C 102 -7.54 -19.99 -16.56
CA ASN C 102 -7.11 -20.62 -15.31
C ASN C 102 -8.02 -20.13 -14.20
N MET C 103 -8.36 -18.84 -14.24
CA MET C 103 -9.22 -18.24 -13.21
C MET C 103 -10.65 -18.79 -13.28
N LEU C 104 -11.18 -18.84 -14.50
CA LEU C 104 -12.51 -19.36 -14.76
C LEU C 104 -12.65 -20.77 -14.18
N HIS C 105 -11.70 -21.62 -14.47
CA HIS C 105 -11.77 -22.99 -14.02
C HIS C 105 -11.58 -23.08 -12.50
N ARG C 106 -10.72 -22.21 -11.97
CA ARG C 106 -10.47 -22.18 -10.54
C ARG C 106 -11.75 -21.75 -9.83
N ARG C 107 -12.39 -20.70 -10.32
CA ARG C 107 -13.61 -20.18 -9.72
C ARG C 107 -14.86 -20.99 -10.03
N SER C 108 -14.72 -22.04 -10.83
CA SER C 108 -15.84 -22.92 -11.13
C SER C 108 -15.61 -24.31 -10.50
N GLY C 109 -14.40 -24.53 -10.01
CA GLY C 109 -14.10 -25.77 -9.32
C GLY C 109 -13.49 -26.80 -10.24
N LEU C 110 -13.09 -26.39 -11.43
CA LEU C 110 -12.47 -27.34 -12.34
C LEU C 110 -10.95 -27.19 -12.34
N PRO C 111 -10.24 -28.11 -12.97
CA PRO C 111 -8.79 -28.05 -12.99
C PRO C 111 -8.33 -26.84 -13.81
N ARG C 112 -7.16 -26.30 -13.45
CA ARG C 112 -6.57 -25.20 -14.19
C ARG C 112 -5.73 -25.78 -15.32
N PRO C 113 -5.88 -25.22 -16.52
CA PRO C 113 -5.11 -25.69 -17.65
C PRO C 113 -3.61 -25.58 -17.38
N SER C 114 -3.22 -24.64 -16.52
CA SER C 114 -1.82 -24.44 -16.18
C SER C 114 -1.31 -25.59 -15.32
N ASP C 115 -2.24 -26.27 -14.64
CA ASP C 115 -1.89 -27.39 -13.79
C ASP C 115 -1.63 -28.63 -14.63
N SER C 116 -1.51 -28.44 -15.93
CA SER C 116 -1.22 -29.55 -16.82
C SER C 116 0.17 -29.42 -17.40
N ASN C 117 0.87 -30.54 -17.46
CA ASN C 117 2.23 -30.63 -17.95
C ASN C 117 2.35 -30.12 -19.40
N ALA C 118 1.35 -30.41 -20.23
CA ALA C 118 1.30 -29.96 -21.62
C ALA C 118 1.25 -28.44 -21.73
N VAL C 119 0.42 -27.84 -20.89
CA VAL C 119 0.23 -26.40 -20.88
C VAL C 119 1.42 -25.75 -20.21
N SER C 120 1.90 -26.36 -19.14
CA SER C 120 3.05 -25.83 -18.44
C SER C 120 4.24 -25.83 -19.39
N LEU C 121 4.37 -26.91 -20.14
CA LEU C 121 5.43 -27.05 -21.13
C LEU C 121 5.39 -26.02 -22.25
N VAL C 122 4.35 -26.10 -23.08
CA VAL C 122 4.17 -25.20 -24.22
C VAL C 122 4.31 -23.71 -23.88
N MET C 123 3.77 -23.30 -22.74
CA MET C 123 3.90 -21.91 -22.32
C MET C 123 5.38 -21.58 -22.16
N ARG C 124 6.09 -22.48 -21.49
CA ARG C 124 7.55 -22.36 -21.27
C ARG C 124 8.27 -22.17 -22.61
N ARG C 125 8.03 -23.11 -23.51
CA ARG C 125 8.59 -23.12 -24.85
C ARG C 125 8.33 -21.84 -25.59
N ILE C 126 7.04 -21.50 -25.73
CA ILE C 126 6.61 -20.29 -26.42
C ILE C 126 7.34 -19.05 -25.93
N ARG C 127 7.53 -18.94 -24.61
CA ARG C 127 8.20 -17.77 -24.08
C ARG C 127 9.65 -17.71 -24.53
N LYS C 128 10.35 -18.84 -24.49
CA LYS C 128 11.73 -18.92 -24.99
C LYS C 128 11.79 -18.67 -26.48
N GLU C 129 10.91 -19.32 -27.24
CA GLU C 129 10.87 -19.15 -28.68
C GLU C 129 10.66 -17.70 -29.09
N ASN C 130 9.76 -17.02 -28.39
CA ASN C 130 9.40 -15.64 -28.71
C ASN C 130 10.46 -14.60 -28.37
N VAL C 131 11.07 -14.73 -27.19
CA VAL C 131 12.10 -13.80 -26.75
C VAL C 131 13.27 -13.91 -27.71
N ASP C 132 13.45 -15.13 -28.22
CA ASP C 132 14.49 -15.45 -29.19
C ASP C 132 14.07 -15.07 -30.60
N ALA C 133 13.09 -14.20 -30.73
CA ALA C 133 12.64 -13.83 -32.07
C ALA C 133 12.63 -12.32 -32.04
N GLY C 134 12.92 -11.80 -30.86
CA GLY C 134 12.99 -10.37 -30.64
C GLY C 134 11.79 -9.81 -29.89
N GLU C 135 11.17 -10.60 -29.02
CA GLU C 135 10.03 -10.04 -28.32
C GLU C 135 10.48 -8.89 -27.46
N ARG C 136 9.91 -7.74 -27.78
CA ARG C 136 10.28 -6.50 -27.13
C ARG C 136 9.15 -5.84 -26.36
N ALA C 137 9.25 -5.88 -25.04
CA ALA C 137 8.24 -5.21 -24.25
C ALA C 137 8.34 -3.78 -24.70
N LYS C 138 7.23 -3.07 -24.65
CA LYS C 138 7.24 -1.68 -25.03
C LYS C 138 6.91 -0.86 -23.80
N GLN C 139 7.17 0.43 -23.92
CA GLN C 139 6.87 1.36 -22.86
C GLN C 139 6.66 2.68 -23.60
N ALA C 140 6.23 3.70 -22.87
CA ALA C 140 5.90 4.97 -23.49
C ALA C 140 7.08 5.81 -23.98
N LEU C 141 6.82 6.52 -25.07
CA LEU C 141 7.79 7.43 -25.67
C LEU C 141 7.81 8.66 -24.78
N ALA C 142 8.97 8.94 -24.20
CA ALA C 142 9.11 10.05 -23.28
C ALA C 142 8.62 11.40 -23.79
N PHE C 143 7.77 12.04 -23.00
CA PHE C 143 7.35 13.41 -23.28
C PHE C 143 8.11 14.15 -22.21
N GLU C 144 9.29 14.59 -22.59
CA GLU C 144 10.21 15.27 -21.71
C GLU C 144 10.10 16.77 -21.90
N ARG C 145 10.89 17.53 -21.14
CA ARG C 145 10.84 18.99 -21.17
C ARG C 145 11.11 19.64 -22.53
N THR C 146 12.05 19.07 -23.28
CA THR C 146 12.35 19.62 -24.60
C THR C 146 11.07 19.65 -25.40
N ASP C 147 10.27 18.59 -25.21
CA ASP C 147 9.00 18.46 -25.90
C ASP C 147 7.98 19.43 -25.34
N PHE C 148 7.99 19.60 -24.02
CA PHE C 148 7.04 20.52 -23.40
C PHE C 148 7.31 21.96 -23.81
N ASP C 149 8.58 22.32 -23.93
CA ASP C 149 8.97 23.66 -24.32
C ASP C 149 8.56 23.92 -25.76
N GLN C 150 9.00 23.03 -26.65
CA GLN C 150 8.72 23.10 -28.08
C GLN C 150 7.23 23.27 -28.37
N VAL C 151 6.42 22.43 -27.73
CA VAL C 151 4.98 22.47 -27.90
C VAL C 151 4.49 23.72 -27.20
N ARG C 152 5.07 23.97 -26.03
CA ARG C 152 4.69 25.16 -25.30
C ARG C 152 4.81 26.30 -26.30
N SER C 153 5.92 26.33 -27.03
CA SER C 153 6.14 27.38 -28.03
C SER C 153 5.04 27.52 -29.07
N LEU C 154 4.74 26.43 -29.78
CA LEU C 154 3.74 26.44 -30.84
C LEU C 154 2.37 26.90 -30.39
N MET C 155 1.92 26.32 -29.29
CA MET C 155 0.59 26.63 -28.76
C MET C 155 0.63 27.74 -27.71
N GLU C 156 1.83 28.15 -27.31
CA GLU C 156 1.97 29.22 -26.33
C GLU C 156 1.08 30.37 -26.72
N ASN C 157 1.37 30.98 -27.85
CA ASN C 157 0.63 32.17 -28.28
C ASN C 157 -0.70 32.00 -28.99
N SER C 158 -1.39 30.86 -28.81
CA SER C 158 -2.68 30.64 -29.47
C SER C 158 -3.95 30.96 -28.68
N ASP C 159 -4.94 31.47 -29.40
CA ASP C 159 -6.21 31.89 -28.84
C ASP C 159 -7.22 30.74 -28.69
N ARG C 160 -6.99 29.66 -29.42
CA ARG C 160 -7.93 28.54 -29.44
C ARG C 160 -8.20 27.79 -28.13
N CYS C 161 -9.43 27.95 -27.65
CA CYS C 161 -9.85 27.28 -26.41
C CYS C 161 -9.23 25.90 -26.25
N GLN C 162 -9.47 25.01 -27.20
CA GLN C 162 -8.95 23.65 -27.08
C GLN C 162 -7.42 23.65 -27.07
N ASP C 163 -6.83 24.71 -27.58
CA ASP C 163 -5.37 24.75 -27.60
C ASP C 163 -4.86 25.16 -26.22
N ILE C 164 -5.60 26.05 -25.58
CA ILE C 164 -5.26 26.48 -24.22
C ILE C 164 -5.50 25.31 -23.26
N ARG C 165 -6.61 24.62 -23.42
CA ARG C 165 -6.92 23.48 -22.56
C ARG C 165 -5.85 22.41 -22.65
N ASN C 166 -5.44 22.07 -23.87
CA ASN C 166 -4.47 21.02 -24.04
C ASN C 166 -3.11 21.36 -23.46
N LEU C 167 -2.82 22.66 -23.33
CA LEU C 167 -1.55 23.09 -22.73
C LEU C 167 -1.56 22.76 -21.24
N ALA C 168 -2.57 23.27 -20.53
CA ALA C 168 -2.72 22.98 -19.11
C ALA C 168 -2.45 21.49 -18.95
N PHE C 169 -3.26 20.69 -19.60
CA PHE C 169 -3.16 19.24 -19.51
C PHE C 169 -1.71 18.78 -19.50
N LEU C 170 -1.02 18.96 -20.64
CA LEU C 170 0.36 18.52 -20.73
C LEU C 170 1.20 19.11 -19.61
N GLY C 171 0.65 20.12 -18.94
CA GLY C 171 1.30 20.74 -17.79
C GLY C 171 1.03 19.92 -16.52
N ILE C 172 -0.24 19.60 -16.27
CA ILE C 172 -0.59 18.84 -15.08
C ILE C 172 -0.04 17.41 -15.13
N ALA C 173 0.25 16.92 -16.33
CA ALA C 173 0.75 15.56 -16.50
C ALA C 173 2.27 15.43 -16.39
N TYR C 174 2.98 16.45 -16.87
CA TYR C 174 4.43 16.45 -16.83
C TYR C 174 4.87 16.97 -15.47
N ASN C 175 4.34 18.13 -15.09
CA ASN C 175 4.66 18.71 -13.81
C ASN C 175 4.24 17.77 -12.69
N THR C 176 3.17 17.01 -12.88
CA THR C 176 2.69 16.13 -11.81
C THR C 176 2.83 14.61 -11.96
N LEU C 177 3.23 14.14 -13.12
CA LEU C 177 3.36 12.71 -13.29
C LEU C 177 2.14 12.00 -12.74
N LEU C 178 0.99 12.68 -12.77
CA LEU C 178 -0.29 12.13 -12.32
C LEU C 178 -0.84 11.14 -13.35
N ARG C 179 -1.65 10.19 -12.90
CA ARG C 179 -2.22 9.23 -13.84
C ARG C 179 -3.38 9.89 -14.58
N LEU C 180 -3.81 9.30 -15.70
CA LEU C 180 -4.90 9.89 -16.46
C LEU C 180 -6.10 10.10 -15.55
N ALA C 181 -6.69 9.00 -15.12
CA ALA C 181 -7.88 9.01 -14.25
C ALA C 181 -7.86 10.09 -13.18
N GLU C 182 -6.72 10.26 -12.53
CA GLU C 182 -6.60 11.24 -11.47
C GLU C 182 -6.62 12.69 -11.93
N ILE C 183 -6.57 12.92 -13.24
CA ILE C 183 -6.63 14.27 -13.80
C ILE C 183 -8.02 14.45 -14.39
N ALA C 184 -8.59 13.34 -14.84
CA ALA C 184 -9.96 13.32 -15.34
C ALA C 184 -10.89 13.51 -14.13
N ARG C 185 -10.77 12.56 -13.21
CA ARG C 185 -11.52 12.53 -11.95
C ARG C 185 -11.40 13.83 -11.17
N ILE C 186 -10.36 14.61 -11.47
CA ILE C 186 -10.12 15.87 -10.78
C ILE C 186 -11.29 16.83 -10.83
N ARG C 187 -11.49 17.53 -9.72
CA ARG C 187 -12.51 18.56 -9.62
C ARG C 187 -11.79 19.87 -9.34
N VAL C 188 -12.55 20.93 -9.12
CA VAL C 188 -11.94 22.20 -8.73
C VAL C 188 -12.45 22.61 -7.35
N LYS C 189 -12.37 21.61 -6.47
CA LYS C 189 -12.70 21.69 -5.06
C LYS C 189 -11.53 20.86 -4.55
N ASP C 190 -10.63 20.57 -5.49
CA ASP C 190 -9.41 19.81 -5.25
C ASP C 190 -8.22 20.70 -5.59
N ILE C 191 -8.50 21.93 -6.02
CA ILE C 191 -7.44 22.84 -6.44
C ILE C 191 -7.23 24.09 -5.57
N SER C 192 -6.14 24.11 -4.80
CA SER C 192 -5.82 25.26 -3.96
C SER C 192 -4.97 26.30 -4.67
N ARG C 193 -4.28 27.15 -3.91
CA ARG C 193 -3.44 28.20 -4.50
C ARG C 193 -2.29 28.63 -3.57
N THR C 194 -1.36 27.71 -3.33
CA THR C 194 -0.21 27.93 -2.44
C THR C 194 0.81 29.02 -2.74
N ASP C 195 2.02 28.75 -2.26
CA ASP C 195 3.20 29.61 -2.28
C ASP C 195 3.50 30.82 -3.18
N GLY C 196 2.48 31.63 -3.49
CA GLY C 196 2.68 32.88 -4.24
C GLY C 196 2.74 32.87 -5.76
N GLY C 197 1.58 32.82 -6.41
CA GLY C 197 1.54 32.78 -7.86
C GLY C 197 1.89 31.34 -8.22
N ARG C 198 1.23 30.42 -7.54
CA ARG C 198 1.44 28.99 -7.71
C ARG C 198 0.17 28.31 -7.21
N MET C 199 -0.19 27.17 -7.80
CA MET C 199 -1.37 26.46 -7.35
C MET C 199 -0.89 25.20 -6.63
N LEU C 200 -1.83 24.44 -6.10
CA LEU C 200 -1.58 23.21 -5.38
C LEU C 200 -2.82 22.34 -5.59
N ILE C 201 -2.65 21.03 -5.75
CA ILE C 201 -3.80 20.17 -5.99
C ILE C 201 -3.89 18.93 -5.09
N HIS C 202 -5.02 18.77 -4.41
CA HIS C 202 -5.23 17.60 -3.56
C HIS C 202 -5.75 16.45 -4.39
N ILE C 203 -5.17 15.26 -4.22
CA ILE C 203 -5.56 14.13 -5.05
C ILE C 203 -5.73 12.76 -4.37
N GLY C 204 -5.44 11.70 -5.13
CA GLY C 204 -5.59 10.35 -4.62
C GLY C 204 -5.11 9.34 -5.67
N ARG C 205 -3.85 8.95 -5.57
CA ARG C 205 -3.28 8.00 -6.53
C ARG C 205 -3.13 6.64 -5.87
N THR C 206 -3.98 6.36 -4.89
CA THR C 206 -3.96 5.08 -4.20
C THR C 206 -5.32 4.41 -4.16
N LYS C 207 -5.32 3.14 -3.81
CA LYS C 207 -6.52 2.33 -3.69
C LYS C 207 -6.02 1.07 -3.03
N THR C 208 -5.45 1.22 -1.83
CA THR C 208 -4.86 0.09 -1.15
C THR C 208 -5.17 -0.13 0.33
N LEU C 209 -6.13 0.60 0.89
CA LEU C 209 -6.49 0.44 2.30
C LEU C 209 -5.27 0.72 3.16
N VAL C 210 -4.29 -0.18 3.10
CA VAL C 210 -3.03 0.01 3.81
C VAL C 210 -2.13 0.78 2.85
N SER C 211 -2.49 2.03 2.64
CA SER C 211 -1.77 2.91 1.74
C SER C 211 -2.04 4.38 2.09
N THR C 212 -2.17 5.21 1.07
CA THR C 212 -2.43 6.62 1.29
C THR C 212 -3.89 6.97 0.99
N ALA C 213 -4.34 8.06 1.60
CA ALA C 213 -5.70 8.55 1.39
C ALA C 213 -5.66 9.53 0.22
N GLY C 214 -4.54 10.23 0.09
CA GLY C 214 -4.37 11.21 -0.99
C GLY C 214 -3.08 12.01 -0.78
N VAL C 215 -2.92 13.07 -1.57
CA VAL C 215 -1.73 13.91 -1.48
C VAL C 215 -1.98 15.33 -2.00
N GLU C 216 -0.92 16.10 -2.15
CA GLU C 216 -1.02 17.47 -2.65
C GLU C 216 0.13 17.84 -3.57
N LYS C 217 -0.17 17.92 -4.86
CA LYS C 217 0.82 18.29 -5.87
C LYS C 217 0.77 19.79 -6.17
N ALA C 218 1.93 20.39 -6.40
CA ALA C 218 2.05 21.81 -6.69
C ALA C 218 2.31 22.10 -8.16
N LEU C 219 2.26 23.38 -8.52
CA LEU C 219 2.48 23.78 -9.91
C LEU C 219 3.39 25.00 -10.05
N SER C 220 4.20 25.01 -11.10
CA SER C 220 5.15 26.10 -11.32
C SER C 220 4.51 27.28 -12.05
N LEU C 221 5.34 28.19 -12.55
CA LEU C 221 4.87 29.32 -13.34
C LEU C 221 4.53 28.70 -14.69
N GLY C 222 5.16 27.57 -14.96
CA GLY C 222 4.87 26.83 -16.17
C GLY C 222 3.40 26.47 -16.05
N VAL C 223 3.11 25.25 -15.57
CA VAL C 223 1.74 24.84 -15.39
C VAL C 223 0.88 25.91 -14.72
N THR C 224 0.60 25.79 -13.43
CA THR C 224 -0.24 26.77 -12.72
C THR C 224 -0.84 27.89 -13.62
N LYS C 225 0.02 28.72 -14.18
CA LYS C 225 -0.42 29.79 -15.08
C LYS C 225 -1.30 29.22 -16.17
N LEU C 226 -0.69 28.42 -17.06
CA LEU C 226 -1.42 27.81 -18.16
C LEU C 226 -2.82 27.45 -17.65
N VAL C 227 -2.87 26.79 -16.50
CA VAL C 227 -4.15 26.37 -15.96
C VAL C 227 -5.07 27.55 -15.70
N GLU C 228 -4.48 28.71 -15.43
CA GLU C 228 -5.26 29.92 -15.21
C GLU C 228 -6.09 30.19 -16.46
N ARG C 229 -5.40 30.40 -17.57
CA ARG C 229 -6.08 30.66 -18.83
C ARG C 229 -7.24 29.69 -19.01
N TRP C 230 -6.97 28.39 -18.90
CA TRP C 230 -8.05 27.41 -19.01
C TRP C 230 -9.16 27.74 -18.03
N ILE C 231 -8.84 28.53 -17.01
CA ILE C 231 -9.85 28.93 -16.02
C ILE C 231 -10.64 30.11 -16.59
N SER C 232 -9.91 31.07 -17.18
CA SER C 232 -10.57 32.21 -17.79
C SER C 232 -11.33 31.69 -19.00
N VAL C 233 -10.57 31.26 -20.00
CA VAL C 233 -11.11 30.76 -21.25
C VAL C 233 -12.20 29.68 -21.17
N SER C 234 -12.01 28.66 -20.35
CA SER C 234 -12.99 27.59 -20.27
C SER C 234 -14.22 27.88 -19.42
N GLY C 235 -14.18 29.00 -18.69
CA GLY C 235 -15.28 29.40 -17.81
C GLY C 235 -15.54 28.37 -16.70
N VAL C 236 -14.67 27.37 -16.61
CA VAL C 236 -14.79 26.28 -15.65
C VAL C 236 -15.38 26.58 -14.26
N ALA C 237 -14.72 27.46 -13.51
CA ALA C 237 -15.10 27.76 -12.14
C ALA C 237 -16.45 28.44 -11.90
N ASP C 238 -17.56 27.79 -12.26
CA ASP C 238 -18.85 28.41 -12.03
C ASP C 238 -19.69 27.62 -11.03
N ASP C 239 -19.52 26.30 -11.06
CA ASP C 239 -20.18 25.39 -10.13
C ASP C 239 -19.06 24.59 -9.46
N PRO C 240 -18.11 25.26 -8.80
CA PRO C 240 -17.00 24.57 -8.16
C PRO C 240 -17.34 23.25 -7.45
N ASN C 241 -17.55 22.24 -8.27
CA ASN C 241 -17.87 20.88 -7.89
C ASN C 241 -17.51 20.41 -9.28
N ASN C 242 -16.93 21.38 -9.97
CA ASN C 242 -16.57 21.28 -11.38
C ASN C 242 -15.20 20.69 -11.65
N TYR C 243 -15.22 19.60 -12.43
CA TYR C 243 -13.99 18.95 -12.88
C TYR C 243 -13.21 20.00 -13.67
N LEU C 244 -11.91 20.09 -13.42
CA LEU C 244 -11.08 21.08 -14.11
C LEU C 244 -11.02 20.86 -15.63
N PHE C 245 -11.13 19.61 -16.08
CA PHE C 245 -11.06 19.34 -17.51
C PHE C 245 -12.37 18.91 -18.14
N CYS C 246 -12.73 19.59 -19.22
CA CYS C 246 -13.97 19.35 -19.96
C CYS C 246 -13.75 19.21 -21.47
N ARG C 247 -14.84 18.99 -22.19
CA ARG C 247 -14.77 18.84 -23.64
C ARG C 247 -14.91 20.17 -24.34
N VAL C 248 -14.15 20.32 -25.41
CA VAL C 248 -14.18 21.52 -26.23
C VAL C 248 -14.57 21.17 -27.66
N ARG C 249 -15.80 21.56 -28.00
CA ARG C 249 -16.45 21.33 -29.28
C ARG C 249 -15.82 22.03 -30.47
N LYS C 250 -16.37 21.77 -31.66
CA LYS C 250 -15.88 22.33 -32.91
C LYS C 250 -15.99 23.85 -32.94
N ASN C 251 -16.92 24.38 -32.14
CA ASN C 251 -17.13 25.82 -32.07
C ASN C 251 -16.13 26.44 -31.13
N GLY C 252 -15.46 25.59 -30.36
CA GLY C 252 -14.45 26.05 -29.42
C GLY C 252 -15.12 26.47 -28.13
N VAL C 253 -16.32 25.98 -27.89
CA VAL C 253 -17.04 26.31 -26.67
C VAL C 253 -16.83 25.14 -25.72
N ALA C 254 -16.65 25.45 -24.43
CA ALA C 254 -16.37 24.42 -23.43
C ALA C 254 -17.57 24.07 -22.51
N ALA C 255 -17.74 22.78 -22.25
CA ALA C 255 -18.86 22.29 -21.46
C ALA C 255 -18.51 21.65 -20.11
N PRO C 256 -18.61 22.44 -19.04
CA PRO C 256 -18.36 21.93 -17.69
C PRO C 256 -19.25 20.76 -17.30
N SER C 257 -18.85 20.08 -16.24
CA SER C 257 -19.60 18.94 -15.75
C SER C 257 -19.05 18.55 -14.39
N ALA C 258 -19.94 18.54 -13.39
CA ALA C 258 -19.56 18.09 -12.06
C ALA C 258 -20.05 16.65 -12.06
N THR C 259 -20.49 16.19 -13.22
CA THR C 259 -21.05 14.86 -13.35
C THR C 259 -20.37 13.96 -14.37
N SER C 260 -19.58 14.53 -15.27
CA SER C 260 -18.93 13.69 -16.26
C SER C 260 -17.50 14.08 -16.46
N GLN C 261 -16.66 13.08 -16.65
CA GLN C 261 -15.27 13.35 -16.87
C GLN C 261 -14.87 12.97 -18.28
N LEU C 262 -13.78 13.58 -18.71
CA LEU C 262 -13.23 13.31 -20.00
C LEU C 262 -12.72 11.88 -19.98
N SER C 263 -13.24 11.07 -20.90
CA SER C 263 -12.85 9.69 -21.01
C SER C 263 -11.33 9.62 -21.05
N ASN C 264 -10.79 8.51 -20.60
CA ASN C 264 -9.36 8.34 -20.65
C ASN C 264 -8.99 8.22 -22.12
N SER C 265 -10.01 8.00 -22.95
CA SER C 265 -9.86 7.92 -24.40
C SER C 265 -9.37 9.26 -24.96
N ALA C 266 -9.99 10.34 -24.48
CA ALA C 266 -9.70 11.71 -24.91
C ALA C 266 -8.33 12.22 -24.49
N LEU C 267 -7.94 11.94 -23.25
CA LEU C 267 -6.66 12.39 -22.70
C LEU C 267 -5.47 11.73 -23.37
N GLY C 268 -5.65 10.51 -23.87
CA GLY C 268 -4.58 9.84 -24.61
C GLY C 268 -4.63 10.51 -25.96
N GLY C 269 -5.80 11.05 -26.28
CA GLY C 269 -5.98 11.74 -27.55
C GLY C 269 -5.08 12.95 -27.60
N ILE C 270 -5.17 13.78 -26.58
CA ILE C 270 -4.37 15.00 -26.54
C ILE C 270 -2.90 14.70 -26.68
N PHE C 271 -2.49 13.51 -26.26
CA PHE C 271 -1.09 13.15 -26.35
C PHE C 271 -0.69 12.80 -27.78
N GLY C 272 -1.48 11.96 -28.44
CA GLY C 272 -1.20 11.60 -29.81
C GLY C 272 -1.45 12.81 -30.68
N ALA C 273 -2.62 13.42 -30.52
CA ALA C 273 -2.97 14.59 -31.30
C ALA C 273 -1.81 15.55 -31.29
N THR C 274 -1.29 15.80 -30.10
CA THR C 274 -0.20 16.75 -29.98
C THR C 274 1.13 16.28 -30.56
N HIS C 275 1.30 14.97 -30.72
CA HIS C 275 2.54 14.45 -31.29
C HIS C 275 2.50 14.57 -32.80
N ARG C 276 1.28 14.54 -33.32
CA ARG C 276 1.05 14.60 -34.74
C ARG C 276 1.35 16.00 -35.22
N LEU C 277 0.85 16.99 -34.49
CA LEU C 277 1.08 18.38 -34.82
C LEU C 277 2.56 18.62 -35.09
N ILE C 278 3.42 18.10 -34.22
CA ILE C 278 4.85 18.28 -34.41
C ILE C 278 5.46 17.30 -35.40
N TYR C 279 5.09 16.02 -35.31
CA TYR C 279 5.74 15.03 -36.15
C TYR C 279 4.96 14.50 -37.35
N GLY C 280 3.70 14.89 -37.48
CA GLY C 280 2.88 14.50 -38.61
C GLY C 280 1.99 13.27 -38.43
N ALA C 281 1.48 12.76 -39.54
CA ALA C 281 0.60 11.60 -39.51
C ALA C 281 1.27 10.55 -38.69
N LYS C 282 0.67 9.37 -38.67
CA LYS C 282 1.27 8.25 -37.96
C LYS C 282 2.64 8.06 -38.60
N ASP C 283 3.22 6.88 -38.46
CA ASP C 283 4.53 6.69 -39.02
C ASP C 283 4.72 5.29 -39.54
N ASP C 284 5.63 4.61 -38.88
CA ASP C 284 5.95 3.24 -39.20
C ASP C 284 4.76 2.34 -38.88
N SER C 285 4.72 1.18 -39.52
CA SER C 285 3.60 0.22 -39.39
C SER C 285 2.98 0.13 -38.01
N GLY C 286 1.68 -0.17 -37.97
CA GLY C 286 0.82 -0.24 -36.75
C GLY C 286 1.35 -0.69 -35.38
N GLN C 287 2.63 -0.42 -35.14
CA GLN C 287 3.42 -0.77 -33.95
C GLN C 287 2.93 -0.91 -32.50
N ARG C 288 2.67 0.24 -31.85
CA ARG C 288 2.31 0.43 -30.42
C ARG C 288 3.35 1.36 -29.77
N TYR C 289 2.95 2.60 -29.52
CA TYR C 289 3.80 3.67 -28.98
C TYR C 289 4.63 4.36 -30.06
N LEU C 290 4.00 4.66 -31.20
CA LEU C 290 4.72 5.32 -32.26
C LEU C 290 4.67 6.81 -31.98
N ALA C 291 3.63 7.21 -31.24
CA ALA C 291 3.42 8.60 -30.82
C ALA C 291 3.31 8.69 -29.30
N TRP C 292 3.04 9.88 -28.78
CA TRP C 292 2.92 10.04 -27.33
C TRP C 292 1.60 9.48 -26.78
N SER C 293 1.68 8.80 -25.64
CA SER C 293 0.50 8.21 -24.99
C SER C 293 0.29 8.78 -23.61
N GLY C 294 -0.79 8.40 -22.96
CA GLY C 294 -1.10 8.93 -21.64
C GLY C 294 0.09 8.84 -20.67
N HIS C 295 1.00 7.91 -20.90
CA HIS C 295 2.15 7.72 -20.00
C HIS C 295 3.41 8.55 -20.29
N SER C 296 3.54 9.02 -21.53
CA SER C 296 4.70 9.78 -21.96
C SER C 296 5.16 10.88 -21.01
N ALA C 297 4.23 11.60 -20.38
CA ALA C 297 4.58 12.72 -19.49
C ALA C 297 5.34 12.29 -18.22
N ARG C 298 4.90 11.18 -17.64
CA ARG C 298 5.57 10.64 -16.48
C ARG C 298 6.95 10.12 -16.90
N VAL C 299 7.01 9.35 -18.00
CA VAL C 299 8.27 8.82 -18.50
C VAL C 299 9.33 9.88 -18.58
N GLY C 300 9.03 10.93 -19.34
CA GLY C 300 9.97 12.01 -19.55
C GLY C 300 10.20 12.81 -18.28
N ALA C 301 9.17 12.86 -17.43
CA ALA C 301 9.25 13.59 -16.17
C ALA C 301 10.42 13.03 -15.35
N ALA C 302 10.42 11.72 -15.17
CA ALA C 302 11.46 11.02 -14.41
C ALA C 302 12.86 11.15 -15.01
N ARG C 303 12.98 10.95 -16.32
CA ARG C 303 14.28 11.06 -16.99
C ARG C 303 14.86 12.45 -16.75
N ASP C 304 14.03 13.47 -16.96
CA ASP C 304 14.48 14.83 -16.71
C ASP C 304 14.88 14.95 -15.25
N MET C 305 14.03 14.42 -14.36
CA MET C 305 14.29 14.43 -12.93
C MET C 305 15.53 13.60 -12.58
N ALA C 306 15.86 12.61 -13.40
CA ALA C 306 17.01 11.75 -13.18
C ALA C 306 18.25 12.36 -13.83
N ARG C 307 18.04 13.02 -14.96
CA ARG C 307 19.14 13.64 -15.69
C ARG C 307 19.87 14.68 -14.82
N ALA C 308 19.13 15.43 -14.01
CA ALA C 308 19.73 16.37 -13.09
C ALA C 308 19.92 15.60 -11.79
N GLY C 309 19.81 14.28 -11.89
CA GLY C 309 19.92 13.38 -10.75
C GLY C 309 19.26 13.97 -9.50
N VAL C 310 18.05 13.52 -9.19
CA VAL C 310 17.32 14.05 -8.04
C VAL C 310 17.29 13.20 -6.75
N SER C 311 17.28 11.88 -6.92
CA SER C 311 17.21 10.82 -5.88
C SER C 311 16.00 9.96 -6.17
N ILE C 312 16.20 8.64 -6.28
CA ILE C 312 15.09 7.74 -6.59
C ILE C 312 13.80 7.96 -5.78
N PRO C 313 13.92 7.96 -4.46
CA PRO C 313 12.75 8.11 -3.59
C PRO C 313 12.00 9.42 -3.83
N GLU C 314 12.74 10.46 -4.20
CA GLU C 314 12.15 11.76 -4.48
C GLU C 314 11.49 11.59 -5.84
N ILE C 315 12.07 10.72 -6.65
CA ILE C 315 11.55 10.43 -7.97
C ILE C 315 10.25 9.67 -7.79
N MET C 316 10.27 8.65 -6.95
CA MET C 316 9.07 7.88 -6.67
C MET C 316 8.04 8.77 -6.00
N GLN C 317 8.44 9.99 -5.66
CA GLN C 317 7.50 10.95 -5.08
C GLN C 317 6.53 11.40 -6.16
N ALA C 318 7.06 12.11 -7.15
CA ALA C 318 6.22 12.60 -8.23
C ALA C 318 5.30 11.50 -8.73
N GLY C 319 5.80 10.27 -8.74
CA GLY C 319 5.06 9.13 -9.26
C GLY C 319 4.03 8.49 -8.36
N GLY C 320 4.49 7.65 -7.45
CA GLY C 320 3.62 6.89 -6.55
C GLY C 320 4.15 5.46 -6.60
N TRP C 321 5.24 5.29 -7.34
CA TRP C 321 5.85 3.97 -7.51
C TRP C 321 6.31 3.38 -6.22
N THR C 322 6.20 2.06 -6.16
CA THR C 322 6.64 1.31 -5.00
C THR C 322 7.52 0.17 -5.48
N ASN C 323 7.59 0.02 -6.80
CA ASN C 323 8.44 -0.98 -7.43
C ASN C 323 9.58 -0.19 -8.06
N VAL C 324 10.41 -0.90 -8.82
CA VAL C 324 11.48 -0.34 -9.63
C VAL C 324 11.85 -1.43 -10.64
N ASN C 325 11.72 -1.09 -11.91
CA ASN C 325 12.01 -1.88 -13.10
C ASN C 325 11.02 -1.12 -13.93
N ILE C 326 10.21 -0.37 -13.20
CA ILE C 326 9.21 0.49 -13.79
C ILE C 326 9.86 1.86 -13.85
N VAL C 327 10.49 2.31 -12.78
CA VAL C 327 11.21 3.57 -12.84
C VAL C 327 12.55 3.34 -13.55
N MET C 328 13.22 2.26 -13.19
CA MET C 328 14.50 1.94 -13.79
C MET C 328 14.44 1.57 -15.27
N ASN C 329 13.28 1.10 -15.74
CA ASN C 329 13.13 0.80 -17.17
C ASN C 329 13.08 2.15 -17.86
N TYR C 330 12.52 3.13 -17.16
CA TYR C 330 12.38 4.47 -17.68
C TYR C 330 13.72 5.18 -17.58
N ILE C 331 14.59 4.66 -16.73
CA ILE C 331 15.86 5.30 -16.46
C ILE C 331 17.03 4.76 -17.31
N ARG C 332 16.93 3.50 -17.75
CA ARG C 332 18.00 2.81 -18.44
C ARG C 332 18.92 3.33 -19.57
N ASN C 333 18.39 4.00 -20.59
CA ASN C 333 19.22 4.46 -21.71
C ASN C 333 20.06 5.70 -21.42
N LEU C 334 19.78 6.36 -20.29
CA LEU C 334 20.53 7.55 -19.88
C LEU C 334 21.99 7.23 -19.57
N ASP C 335 22.84 8.24 -19.67
CA ASP C 335 24.25 8.09 -19.39
C ASP C 335 24.48 7.97 -17.90
N SER C 336 23.56 8.54 -17.13
CA SER C 336 23.65 8.54 -15.67
C SER C 336 23.59 7.15 -15.07
N GLU C 337 22.85 6.26 -15.74
CA GLU C 337 22.60 4.90 -15.26
C GLU C 337 23.45 3.80 -15.91
N THR C 338 24.54 4.20 -16.55
CA THR C 338 25.40 3.26 -17.26
C THR C 338 25.97 2.07 -16.47
N GLY C 339 26.10 2.22 -15.16
CA GLY C 339 26.62 1.12 -14.37
C GLY C 339 28.08 1.29 -13.97
N ALA C 340 28.48 0.48 -12.99
CA ALA C 340 29.82 0.47 -12.41
C ALA C 340 30.98 0.15 -13.36
N MET C 341 30.74 -0.75 -14.31
CA MET C 341 31.80 -1.14 -15.25
C MET C 341 32.29 0.00 -16.12
N VAL C 342 31.35 0.79 -16.66
CA VAL C 342 31.69 1.96 -17.47
C VAL C 342 32.46 2.93 -16.60
N ARG C 343 31.94 3.14 -15.39
CA ARG C 343 32.54 4.03 -14.40
C ARG C 343 33.98 3.62 -14.06
N LEU C 344 34.25 2.32 -14.10
CA LEU C 344 35.60 1.83 -13.81
C LEU C 344 36.50 1.93 -15.03
N LEU C 345 36.00 1.51 -16.20
CA LEU C 345 36.79 1.55 -17.42
C LEU C 345 37.24 3.00 -17.73
N GLU C 346 36.40 3.98 -17.38
CA GLU C 346 36.70 5.38 -17.62
C GLU C 346 37.37 6.13 -16.46
N ASP C 347 38.28 5.45 -15.75
CA ASP C 347 39.03 5.97 -14.59
C ASP C 347 38.34 5.70 -13.27
N THR D 25 -12.61 -38.00 11.88
CA THR D 25 -14.07 -38.01 11.90
C THR D 25 -14.66 -36.86 12.72
N SER D 26 -15.04 -37.16 13.95
CA SER D 26 -15.56 -36.17 14.87
C SER D 26 -14.65 -36.43 16.05
N ASP D 27 -14.05 -37.62 16.00
CA ASP D 27 -13.09 -38.06 16.99
C ASP D 27 -11.78 -37.37 16.65
N GLU D 28 -11.39 -37.52 15.39
CA GLU D 28 -10.19 -36.89 14.86
C GLU D 28 -10.24 -35.39 15.16
N VAL D 29 -11.40 -34.77 14.92
CA VAL D 29 -11.59 -33.34 15.14
C VAL D 29 -11.52 -32.89 16.60
N ARG D 30 -11.96 -33.75 17.51
CA ARG D 30 -11.91 -33.42 18.92
C ARG D 30 -10.51 -33.64 19.42
N LYS D 31 -9.72 -34.38 18.64
CA LYS D 31 -8.35 -34.68 19.01
C LYS D 31 -7.38 -33.62 18.54
N ASN D 32 -7.64 -33.10 17.35
CA ASN D 32 -6.82 -32.02 16.81
C ASN D 32 -7.08 -30.75 17.62
N LEU D 33 -8.34 -30.52 17.97
CA LEU D 33 -8.67 -29.36 18.76
C LEU D 33 -8.02 -29.51 20.11
N MET D 34 -8.21 -30.67 20.72
CA MET D 34 -7.66 -30.94 22.05
C MET D 34 -6.15 -31.02 22.07
N ASP D 35 -5.53 -31.32 20.93
CA ASP D 35 -4.08 -31.34 20.88
C ASP D 35 -3.64 -29.89 20.83
N MET D 36 -4.51 -29.06 20.25
CA MET D 36 -4.23 -27.64 20.11
C MET D 36 -4.19 -27.06 21.53
N PHE D 37 -5.32 -27.16 22.21
CA PHE D 37 -5.43 -26.65 23.57
C PHE D 37 -4.31 -27.10 24.51
N ARG D 38 -3.76 -28.29 24.27
CA ARG D 38 -2.71 -28.81 25.14
C ARG D 38 -1.48 -27.92 25.04
N ASP D 39 -0.97 -27.77 23.83
CA ASP D 39 0.18 -26.92 23.60
C ASP D 39 -0.30 -25.54 23.17
N ARG D 40 -1.31 -25.09 23.92
CA ARG D 40 -1.95 -23.76 23.84
C ARG D 40 -0.86 -22.75 23.60
N GLN D 41 0.22 -22.99 24.34
CA GLN D 41 1.38 -22.10 24.46
C GLN D 41 2.24 -21.93 23.24
N ALA D 42 1.96 -22.68 22.19
CA ALA D 42 2.76 -22.53 21.01
C ALA D 42 2.34 -21.22 20.32
N PHE D 43 1.19 -20.68 20.70
CA PHE D 43 0.73 -19.41 20.11
C PHE D 43 0.65 -18.31 21.17
N SER D 44 0.58 -17.05 20.71
CA SER D 44 0.50 -15.90 21.60
C SER D 44 -0.81 -15.94 22.37
N GLU D 45 -0.77 -15.48 23.62
CA GLU D 45 -1.98 -15.43 24.41
C GLU D 45 -2.98 -14.51 23.73
N HIS D 46 -2.48 -13.70 22.80
CA HIS D 46 -3.34 -12.79 22.08
C HIS D 46 -4.06 -13.51 20.96
N THR D 47 -3.40 -14.54 20.43
CA THR D 47 -3.98 -15.35 19.38
C THR D 47 -5.19 -16.04 20.00
N TRP D 48 -4.98 -16.62 21.19
CA TRP D 48 -6.06 -17.23 21.93
C TRP D 48 -7.15 -16.21 22.24
N LYS D 49 -6.76 -15.06 22.77
CA LYS D 49 -7.73 -14.04 23.13
C LYS D 49 -8.62 -13.71 21.94
N MET D 50 -7.99 -13.62 20.77
CA MET D 50 -8.67 -13.25 19.54
C MET D 50 -9.42 -14.45 18.93
N LEU D 51 -8.88 -15.65 19.13
CA LEU D 51 -9.59 -16.85 18.70
C LEU D 51 -10.93 -16.92 19.43
N LEU D 52 -10.88 -16.78 20.74
CA LEU D 52 -12.09 -16.82 21.54
C LEU D 52 -13.01 -15.61 21.39
N SER D 53 -12.47 -14.46 21.00
CA SER D 53 -13.31 -13.27 20.84
C SER D 53 -14.16 -13.40 19.57
N VAL D 54 -13.51 -13.93 18.53
CA VAL D 54 -14.12 -14.17 17.22
C VAL D 54 -15.19 -15.24 17.33
N CYS D 55 -14.90 -16.29 18.11
CA CYS D 55 -15.84 -17.38 18.32
C CYS D 55 -17.07 -16.91 19.07
N ARG D 56 -16.89 -16.12 20.12
CA ARG D 56 -18.03 -15.55 20.81
C ARG D 56 -18.93 -14.87 19.78
N SER D 57 -18.33 -13.90 19.09
CA SER D 57 -19.02 -13.15 18.04
C SER D 57 -19.80 -14.06 17.11
N TRP D 58 -19.10 -15.03 16.51
CA TRP D 58 -19.68 -15.97 15.56
C TRP D 58 -20.83 -16.74 16.22
N ALA D 59 -20.50 -17.48 17.28
CA ALA D 59 -21.49 -18.25 18.03
C ALA D 59 -22.69 -17.35 18.34
N ALA D 60 -22.42 -16.11 18.69
CA ALA D 60 -23.49 -15.20 18.97
C ALA D 60 -24.40 -15.11 17.75
N TRP D 61 -23.81 -14.76 16.60
CA TRP D 61 -24.56 -14.54 15.37
C TRP D 61 -25.33 -15.79 15.00
N CYS D 62 -24.65 -16.93 15.11
CA CYS D 62 -25.25 -18.21 14.77
C CYS D 62 -26.49 -18.52 15.60
N LYS D 63 -26.43 -18.22 16.89
CA LYS D 63 -27.56 -18.49 17.77
C LYS D 63 -28.82 -17.71 17.34
N LEU D 64 -28.62 -16.44 17.00
CA LEU D 64 -29.72 -15.59 16.56
C LEU D 64 -30.45 -16.11 15.32
N ASN D 65 -29.69 -16.67 14.38
CA ASN D 65 -30.23 -17.14 13.11
C ASN D 65 -30.44 -18.65 13.11
N ASN D 66 -30.21 -19.26 14.26
CA ASN D 66 -30.40 -20.69 14.37
C ASN D 66 -29.48 -21.41 13.42
N ARG D 67 -28.19 -21.12 13.52
CA ARG D 67 -27.20 -21.76 12.66
C ARG D 67 -26.17 -22.52 13.49
N LYS D 68 -25.63 -23.58 12.89
CA LYS D 68 -24.63 -24.39 13.54
C LYS D 68 -23.36 -23.58 13.45
N TRP D 69 -22.73 -23.34 14.59
CA TRP D 69 -21.52 -22.55 14.59
C TRP D 69 -20.29 -23.34 14.25
N PHE D 70 -20.37 -24.67 14.29
CA PHE D 70 -19.20 -25.50 13.96
C PHE D 70 -19.60 -26.93 13.69
N PRO D 71 -19.12 -27.49 12.58
CA PRO D 71 -18.30 -26.76 11.62
C PRO D 71 -19.09 -25.64 10.97
N ALA D 72 -18.37 -24.61 10.53
CA ALA D 72 -19.07 -23.47 9.96
C ALA D 72 -19.38 -23.71 8.48
N GLU D 73 -20.52 -23.21 8.03
CA GLU D 73 -20.89 -23.35 6.64
C GLU D 73 -20.50 -22.08 5.89
N PRO D 74 -19.82 -22.28 4.78
CA PRO D 74 -19.41 -21.19 3.92
C PRO D 74 -20.51 -20.15 3.79
N GLU D 75 -21.70 -20.59 3.43
CA GLU D 75 -22.80 -19.65 3.25
C GLU D 75 -23.09 -18.91 4.52
N ASP D 76 -22.91 -19.58 5.66
CA ASP D 76 -23.20 -18.93 6.93
C ASP D 76 -22.11 -17.93 7.29
N VAL D 77 -20.86 -18.33 7.05
CA VAL D 77 -19.71 -17.47 7.31
C VAL D 77 -19.80 -16.22 6.43
N ARG D 78 -20.27 -16.39 5.20
CA ARG D 78 -20.46 -15.29 4.25
C ARG D 78 -21.48 -14.26 4.72
N ASP D 79 -22.53 -14.73 5.36
CA ASP D 79 -23.57 -13.83 5.87
C ASP D 79 -22.96 -13.08 7.06
N TYR D 80 -22.16 -13.79 7.84
CA TYR D 80 -21.50 -13.22 9.01
C TYR D 80 -20.59 -12.05 8.61
N LEU D 81 -19.66 -12.32 7.70
CA LEU D 81 -18.78 -11.27 7.19
C LEU D 81 -19.57 -10.04 6.73
N LEU D 82 -20.63 -10.23 5.93
CA LEU D 82 -21.40 -9.07 5.46
C LEU D 82 -22.05 -8.36 6.64
N TYR D 83 -22.36 -9.14 7.67
CA TYR D 83 -23.02 -8.60 8.83
C TYR D 83 -22.06 -7.68 9.61
N LEU D 84 -20.79 -8.06 9.62
CA LEU D 84 -19.73 -7.30 10.28
C LEU D 84 -19.55 -6.03 9.46
N GLN D 85 -19.48 -6.20 8.15
CA GLN D 85 -19.35 -5.08 7.24
C GLN D 85 -20.46 -4.09 7.56
N ALA D 86 -21.69 -4.59 7.60
CA ALA D 86 -22.85 -3.76 7.88
C ALA D 86 -22.79 -3.16 9.27
N ARG D 87 -22.07 -3.81 10.17
CA ARG D 87 -21.94 -3.27 11.52
C ARG D 87 -20.95 -2.11 11.45
N GLY D 88 -20.42 -1.87 10.25
CA GLY D 88 -19.46 -0.80 10.02
C GLY D 88 -18.04 -1.06 10.53
N LEU D 89 -17.59 -2.30 10.59
CA LEU D 89 -16.24 -2.57 11.09
C LEU D 89 -15.20 -2.45 9.98
N ALA D 90 -13.93 -2.37 10.36
CA ALA D 90 -12.86 -2.23 9.40
C ALA D 90 -12.50 -3.52 8.66
N VAL D 91 -12.15 -3.40 7.39
CA VAL D 91 -11.73 -4.54 6.60
C VAL D 91 -10.78 -5.45 7.40
N LYS D 92 -9.96 -4.85 8.25
CA LYS D 92 -8.99 -5.64 9.02
C LYS D 92 -9.67 -6.41 10.13
N THR D 93 -10.74 -5.83 10.68
CA THR D 93 -11.57 -6.47 11.70
C THR D 93 -12.19 -7.72 11.09
N ILE D 94 -12.89 -7.51 9.98
CA ILE D 94 -13.55 -8.57 9.24
C ILE D 94 -12.55 -9.65 8.85
N GLN D 95 -11.40 -9.26 8.36
CA GLN D 95 -10.43 -10.28 8.01
C GLN D 95 -9.98 -11.09 9.22
N GLN D 96 -10.00 -10.47 10.41
CA GLN D 96 -9.56 -11.17 11.63
C GLN D 96 -10.57 -12.22 12.01
N HIS D 97 -11.85 -11.87 11.90
CA HIS D 97 -12.91 -12.83 12.16
C HIS D 97 -12.76 -14.02 11.24
N LEU D 98 -12.50 -13.75 9.96
CA LEU D 98 -12.30 -14.79 8.96
C LEU D 98 -11.08 -15.65 9.23
N GLY D 99 -9.99 -15.02 9.68
CA GLY D 99 -8.73 -15.73 9.96
C GLY D 99 -8.82 -16.66 11.16
N GLN D 100 -9.51 -16.22 12.20
CA GLN D 100 -9.69 -17.04 13.39
C GLN D 100 -10.55 -18.28 13.05
N LEU D 101 -11.65 -18.03 12.34
CA LEU D 101 -12.53 -19.11 11.88
C LEU D 101 -11.71 -20.06 11.02
N ASN D 102 -10.88 -19.50 10.14
CA ASN D 102 -10.06 -20.32 9.26
C ASN D 102 -9.07 -21.10 10.10
N MET D 103 -8.56 -20.48 11.16
CA MET D 103 -7.59 -21.18 11.99
C MET D 103 -8.28 -22.32 12.71
N LEU D 104 -9.40 -22.00 13.35
CA LEU D 104 -10.17 -23.03 14.05
C LEU D 104 -10.28 -24.28 13.18
N HIS D 105 -10.85 -24.10 11.98
CA HIS D 105 -11.02 -25.17 11.03
C HIS D 105 -9.72 -25.89 10.60
N ARG D 106 -8.81 -25.16 9.96
CA ARG D 106 -7.55 -25.75 9.52
C ARG D 106 -6.93 -26.60 10.62
N ARG D 107 -6.72 -25.98 11.77
CA ARG D 107 -6.13 -26.68 12.90
C ARG D 107 -6.98 -27.84 13.37
N SER D 108 -8.21 -27.91 12.86
CA SER D 108 -9.09 -28.99 13.24
C SER D 108 -8.91 -30.18 12.31
N GLY D 109 -8.32 -29.95 11.15
CA GLY D 109 -8.13 -30.99 10.16
C GLY D 109 -9.28 -30.92 9.15
N LEU D 110 -10.01 -29.81 9.20
CA LEU D 110 -11.15 -29.55 8.32
C LEU D 110 -10.86 -28.47 7.28
N PRO D 111 -11.81 -28.30 6.37
CA PRO D 111 -11.68 -27.29 5.32
C PRO D 111 -11.80 -25.90 5.93
N ARG D 112 -11.08 -24.94 5.36
CA ARG D 112 -11.13 -23.56 5.79
C ARG D 112 -12.24 -22.82 5.06
N PRO D 113 -13.08 -22.09 5.80
CA PRO D 113 -14.14 -21.35 5.16
C PRO D 113 -13.60 -20.58 3.95
N SER D 114 -12.41 -20.01 4.06
CA SER D 114 -11.85 -19.27 2.93
C SER D 114 -11.66 -20.17 1.71
N ASP D 115 -11.79 -21.48 1.93
CA ASP D 115 -11.63 -22.47 0.85
C ASP D 115 -12.84 -22.54 -0.04
N SER D 116 -13.83 -21.71 0.24
CA SER D 116 -15.03 -21.71 -0.57
C SER D 116 -15.23 -20.34 -1.20
N ASN D 117 -15.52 -20.37 -2.50
CA ASN D 117 -15.70 -19.17 -3.30
C ASN D 117 -16.69 -18.22 -2.68
N ALA D 118 -17.63 -18.72 -1.89
CA ALA D 118 -18.63 -17.84 -1.26
C ALA D 118 -17.91 -16.92 -0.30
N VAL D 119 -16.98 -17.51 0.45
CA VAL D 119 -16.20 -16.77 1.44
C VAL D 119 -15.00 -16.03 0.84
N SER D 120 -14.23 -16.70 0.01
CA SER D 120 -13.13 -16.03 -0.69
C SER D 120 -13.59 -14.74 -1.38
N LEU D 121 -14.65 -14.85 -2.15
CA LEU D 121 -15.12 -13.72 -2.94
C LEU D 121 -15.77 -12.62 -2.14
N VAL D 122 -16.47 -12.96 -1.07
CA VAL D 122 -17.19 -11.95 -0.30
C VAL D 122 -16.17 -11.06 0.43
N MET D 123 -15.06 -11.68 0.83
CA MET D 123 -13.97 -10.95 1.48
C MET D 123 -13.34 -9.91 0.51
N ARG D 124 -12.98 -10.34 -0.70
CA ARG D 124 -12.44 -9.44 -1.72
C ARG D 124 -13.45 -8.34 -1.92
N ARG D 125 -14.70 -8.73 -2.09
CA ARG D 125 -15.76 -7.79 -2.37
C ARG D 125 -15.92 -6.76 -1.24
N ILE D 126 -15.85 -7.23 0.00
CA ILE D 126 -15.99 -6.36 1.15
C ILE D 126 -14.83 -5.37 1.19
N ARG D 127 -13.62 -5.88 1.05
CA ARG D 127 -12.43 -5.03 1.00
C ARG D 127 -12.61 -4.03 -0.13
N LYS D 128 -12.73 -4.55 -1.35
CA LYS D 128 -12.89 -3.72 -2.54
C LYS D 128 -13.93 -2.63 -2.36
N GLU D 129 -15.09 -2.96 -1.79
CA GLU D 129 -16.17 -2.00 -1.63
C GLU D 129 -15.89 -0.97 -0.57
N ASN D 130 -15.13 -1.37 0.45
CA ASN D 130 -14.85 -0.48 1.57
C ASN D 130 -13.77 0.53 1.23
N VAL D 131 -12.73 0.05 0.54
CA VAL D 131 -11.70 0.93 0.06
C VAL D 131 -12.18 1.77 -1.14
N ASP D 132 -13.09 1.24 -1.95
CA ASP D 132 -13.64 2.01 -3.07
C ASP D 132 -14.70 2.95 -2.50
N ALA D 133 -14.58 3.22 -1.20
CA ALA D 133 -15.46 4.14 -0.52
C ALA D 133 -14.62 4.95 0.44
N GLY D 134 -13.31 4.71 0.42
CA GLY D 134 -12.39 5.44 1.28
C GLY D 134 -11.47 4.54 2.10
N GLU D 135 -11.93 4.19 3.29
CA GLU D 135 -11.18 3.34 4.19
C GLU D 135 -9.71 3.07 3.87
N ARG D 136 -8.87 3.41 4.84
CA ARG D 136 -7.43 3.10 4.80
C ARG D 136 -7.04 2.78 6.24
N ALA D 137 -6.23 1.74 6.41
CA ALA D 137 -5.80 1.34 7.75
C ALA D 137 -5.00 2.48 8.29
N LYS D 138 -5.21 2.81 9.56
CA LYS D 138 -4.45 3.90 10.16
C LYS D 138 -3.08 3.47 10.65
N GLN D 139 -2.36 4.45 11.16
CA GLN D 139 -1.03 4.23 11.74
C GLN D 139 -0.94 5.30 12.79
N ALA D 140 -0.33 4.95 13.92
CA ALA D 140 -0.26 5.88 15.04
C ALA D 140 0.39 7.19 14.70
N LEU D 141 -0.08 8.20 15.40
CA LEU D 141 0.41 9.57 15.34
C LEU D 141 1.90 9.48 15.62
N ALA D 142 2.75 10.07 14.77
CA ALA D 142 4.20 9.95 14.99
C ALA D 142 4.77 10.66 16.22
N PHE D 143 5.86 10.10 16.73
CA PHE D 143 6.59 10.67 17.86
C PHE D 143 8.05 10.75 17.44
N GLU D 144 8.47 11.92 16.96
CA GLU D 144 9.84 12.14 16.45
C GLU D 144 10.75 12.90 17.39
N ARG D 145 12.03 12.96 17.04
CA ARG D 145 13.03 13.64 17.87
C ARG D 145 12.59 14.99 18.42
N THR D 146 11.81 15.71 17.63
CA THR D 146 11.32 17.03 18.06
C THR D 146 10.39 16.88 19.25
N ASP D 147 9.43 15.96 19.14
CA ASP D 147 8.52 15.68 20.23
C ASP D 147 9.26 15.16 21.46
N PHE D 148 10.32 14.39 21.24
CA PHE D 148 11.12 13.84 22.33
C PHE D 148 11.86 14.96 23.03
N ASP D 149 12.50 15.80 22.22
CA ASP D 149 13.27 16.93 22.70
C ASP D 149 12.47 17.90 23.56
N GLN D 150 11.23 18.19 23.17
CA GLN D 150 10.33 19.10 23.88
C GLN D 150 9.77 18.53 25.15
N VAL D 151 9.42 17.25 25.08
CA VAL D 151 8.88 16.52 26.21
C VAL D 151 9.97 16.42 27.26
N ARG D 152 11.15 16.05 26.79
CA ARG D 152 12.30 15.93 27.67
C ARG D 152 12.65 17.32 28.20
N SER D 153 12.64 18.33 27.33
CA SER D 153 12.94 19.69 27.73
C SER D 153 12.05 20.05 28.91
N LEU D 154 10.83 19.55 28.89
CA LEU D 154 9.86 19.82 29.92
C LEU D 154 9.89 18.93 31.18
N MET D 155 10.09 17.63 31.02
CA MET D 155 10.07 16.73 32.18
C MET D 155 11.43 16.61 32.90
N GLU D 156 12.49 16.70 32.11
CA GLU D 156 13.86 16.72 32.59
C GLU D 156 13.90 17.26 34.01
N ASN D 157 13.22 18.39 34.19
CA ASN D 157 13.25 19.12 35.45
C ASN D 157 12.44 18.56 36.59
N SER D 158 11.65 17.53 36.32
CA SER D 158 10.79 16.94 37.34
C SER D 158 11.54 15.98 38.24
N ASP D 159 11.27 16.07 39.54
CA ASP D 159 11.93 15.22 40.52
C ASP D 159 10.97 14.13 40.92
N ARG D 160 9.78 14.16 40.32
CA ARG D 160 8.75 13.16 40.55
C ARG D 160 9.23 11.83 39.96
N CYS D 161 8.82 10.75 40.59
CA CYS D 161 9.18 9.41 40.18
C CYS D 161 8.52 8.95 38.88
N GLN D 162 7.22 9.23 38.75
CA GLN D 162 6.41 8.91 37.58
C GLN D 162 7.00 9.50 36.33
N ASP D 163 7.45 10.75 36.46
CA ASP D 163 8.06 11.48 35.35
C ASP D 163 9.43 10.94 34.98
N ILE D 164 10.24 10.70 36.00
CA ILE D 164 11.57 10.16 35.75
C ILE D 164 11.38 8.87 34.95
N ARG D 165 10.42 8.05 35.38
CA ARG D 165 10.11 6.80 34.70
C ARG D 165 9.63 7.08 33.30
N ASN D 166 8.48 7.74 33.20
CA ASN D 166 7.86 8.08 31.94
C ASN D 166 8.82 8.70 30.89
N LEU D 167 9.80 9.46 31.34
CA LEU D 167 10.74 10.10 30.43
C LEU D 167 11.74 9.06 29.93
N ALA D 168 12.08 8.13 30.81
CA ALA D 168 13.01 7.06 30.47
C ALA D 168 12.34 6.12 29.47
N PHE D 169 11.04 5.89 29.68
CA PHE D 169 10.27 5.03 28.80
C PHE D 169 10.24 5.66 27.43
N LEU D 170 9.79 6.90 27.35
CA LEU D 170 9.69 7.60 26.06
C LEU D 170 11.07 7.61 25.38
N GLY D 171 12.11 7.73 26.19
CA GLY D 171 13.48 7.71 25.71
C GLY D 171 13.81 6.38 25.05
N ILE D 172 13.59 5.29 25.78
CA ILE D 172 13.80 3.94 25.25
C ILE D 172 12.89 3.59 24.06
N ALA D 173 11.62 3.99 24.13
CA ALA D 173 10.67 3.77 23.05
C ALA D 173 11.19 4.37 21.74
N TYR D 174 11.61 5.64 21.80
CA TYR D 174 12.10 6.32 20.59
C TYR D 174 13.48 5.85 20.18
N ASN D 175 14.35 5.65 21.15
CA ASN D 175 15.69 5.22 20.84
C ASN D 175 15.72 3.85 20.20
N THR D 176 15.09 2.87 20.84
CA THR D 176 15.08 1.46 20.41
C THR D 176 14.00 1.02 19.43
N LEU D 177 12.87 1.73 19.41
CA LEU D 177 11.75 1.38 18.55
C LEU D 177 11.02 0.14 19.04
N LEU D 178 11.48 -0.42 20.17
CA LEU D 178 10.83 -1.61 20.72
C LEU D 178 9.35 -1.38 20.89
N ARG D 179 8.58 -2.44 20.81
CA ARG D 179 7.14 -2.34 21.01
C ARG D 179 6.78 -2.53 22.49
N LEU D 180 5.66 -1.94 22.90
CA LEU D 180 5.24 -1.99 24.30
C LEU D 180 5.65 -3.27 25.00
N ALA D 181 5.18 -4.39 24.48
CA ALA D 181 5.46 -5.69 25.10
C ALA D 181 6.94 -6.06 25.22
N GLU D 182 7.76 -5.56 24.31
CA GLU D 182 9.19 -5.85 24.34
C GLU D 182 9.77 -5.07 25.50
N ILE D 183 9.36 -3.81 25.60
CA ILE D 183 9.85 -2.91 26.63
C ILE D 183 9.44 -3.41 28.01
N ALA D 184 8.17 -3.78 28.15
CA ALA D 184 7.66 -4.30 29.41
C ALA D 184 8.30 -5.62 29.84
N ARG D 185 9.04 -6.27 28.96
CA ARG D 185 9.70 -7.53 29.27
C ARG D 185 11.16 -7.35 29.66
N ILE D 186 11.67 -6.14 29.53
CA ILE D 186 13.05 -5.85 29.92
C ILE D 186 13.19 -6.01 31.43
N ARG D 187 14.01 -6.98 31.84
CA ARG D 187 14.32 -7.21 33.25
C ARG D 187 15.69 -6.55 33.48
N VAL D 188 15.98 -6.18 34.73
CA VAL D 188 17.25 -5.52 35.05
C VAL D 188 18.49 -6.24 34.53
N LYS D 189 18.53 -7.56 34.66
CA LYS D 189 19.68 -8.33 34.21
C LYS D 189 19.91 -8.36 32.70
N ASP D 190 19.13 -7.59 31.94
CA ASP D 190 19.28 -7.57 30.49
C ASP D 190 20.03 -6.33 30.03
N ILE D 191 20.36 -5.47 30.99
CA ILE D 191 21.09 -4.24 30.70
C ILE D 191 22.60 -4.41 30.89
N SER D 192 23.38 -3.83 29.98
CA SER D 192 24.83 -3.91 30.06
C SER D 192 25.48 -2.57 29.69
N ARG D 193 26.75 -2.62 29.29
CA ARG D 193 27.49 -1.41 28.91
C ARG D 193 28.33 -1.64 27.66
N THR D 194 28.52 -0.59 26.86
CA THR D 194 29.34 -0.68 25.64
C THR D 194 30.85 -0.59 25.88
N ASP D 195 31.22 0.24 26.87
CA ASP D 195 32.59 0.57 27.28
C ASP D 195 32.54 2.06 27.45
N GLY D 196 31.98 2.70 26.43
CA GLY D 196 31.80 4.14 26.41
C GLY D 196 30.76 4.50 27.44
N GLY D 197 30.19 3.48 28.05
CA GLY D 197 29.21 3.66 29.13
C GLY D 197 27.75 3.75 28.67
N ARG D 198 27.50 3.38 27.42
CA ARG D 198 26.13 3.39 26.91
C ARG D 198 25.43 2.10 27.32
N MET D 199 24.19 2.22 27.80
CA MET D 199 23.44 1.03 28.19
C MET D 199 23.03 0.14 27.01
N LEU D 200 23.25 -1.16 27.15
CA LEU D 200 22.85 -2.13 26.14
C LEU D 200 21.65 -2.93 26.64
N ILE D 201 20.58 -2.96 25.87
CA ILE D 201 19.40 -3.73 26.25
C ILE D 201 19.24 -4.94 25.36
N HIS D 202 19.33 -6.10 25.99
CA HIS D 202 19.24 -7.34 25.27
C HIS D 202 17.78 -7.76 25.09
N ILE D 203 17.39 -8.05 23.86
CA ILE D 203 16.01 -8.43 23.58
C ILE D 203 15.86 -9.92 23.23
N GLY D 204 14.95 -10.60 23.93
CA GLY D 204 14.64 -12.01 23.71
C GLY D 204 13.60 -12.20 22.62
N ARG D 205 12.32 -12.32 23.00
CA ARG D 205 11.27 -12.51 22.00
C ARG D 205 10.64 -11.21 21.51
N THR D 206 10.31 -11.18 20.22
CA THR D 206 9.64 -10.04 19.61
C THR D 206 8.44 -10.55 18.80
N LYS D 207 7.68 -9.64 18.23
CA LYS D 207 6.52 -10.02 17.43
C LYS D 207 7.05 -10.81 16.24
N THR D 208 8.26 -10.48 15.82
CA THR D 208 8.87 -11.14 14.67
C THR D 208 9.94 -12.21 14.94
N LEU D 209 10.36 -12.38 16.19
CA LEU D 209 11.36 -13.40 16.45
C LEU D 209 11.49 -13.96 17.88
N VAL D 210 11.45 -15.28 18.01
CA VAL D 210 11.60 -15.97 19.29
C VAL D 210 12.82 -16.88 19.27
N SER D 211 13.99 -16.31 19.55
CA SER D 211 15.25 -17.06 19.56
C SER D 211 16.09 -16.73 20.79
N THR D 212 17.08 -17.59 21.06
CA THR D 212 17.98 -17.42 22.19
C THR D 212 19.10 -16.45 21.87
N ALA D 213 19.42 -16.33 20.59
CA ALA D 213 20.41 -15.37 20.18
C ALA D 213 19.76 -14.08 20.63
N GLY D 214 18.99 -13.48 19.74
CA GLY D 214 18.27 -12.29 20.10
C GLY D 214 19.02 -11.03 19.74
N VAL D 215 18.63 -9.94 20.38
CA VAL D 215 19.23 -8.66 20.07
C VAL D 215 19.70 -7.94 21.30
N GLU D 216 20.42 -6.86 21.04
CA GLU D 216 20.92 -5.99 22.09
C GLU D 216 20.69 -4.56 21.61
N LYS D 217 19.61 -3.95 22.08
CA LYS D 217 19.29 -2.59 21.73
C LYS D 217 20.19 -1.69 22.59
N ALA D 218 20.98 -0.83 21.95
CA ALA D 218 21.87 0.07 22.69
C ALA D 218 21.25 1.46 22.80
N LEU D 219 21.52 2.13 23.92
CA LEU D 219 20.98 3.46 24.18
C LEU D 219 22.04 4.55 24.03
N SER D 220 21.61 5.74 23.64
CA SER D 220 22.52 6.87 23.49
C SER D 220 22.99 7.29 24.89
N LEU D 221 24.03 8.12 24.96
CA LEU D 221 24.53 8.57 26.24
C LEU D 221 23.44 9.32 27.01
N GLY D 222 22.72 10.16 26.28
CA GLY D 222 21.65 10.94 26.86
C GLY D 222 20.55 10.06 27.44
N VAL D 223 20.08 9.09 26.65
CA VAL D 223 19.00 8.20 27.08
C VAL D 223 19.45 7.30 28.24
N THR D 224 20.71 6.90 28.20
CA THR D 224 21.31 6.08 29.26
C THR D 224 21.11 6.82 30.57
N LYS D 225 21.55 8.07 30.57
CA LYS D 225 21.40 8.93 31.74
C LYS D 225 19.96 8.81 32.20
N LEU D 226 19.04 9.16 31.32
CA LEU D 226 17.61 9.10 31.61
C LEU D 226 17.27 7.80 32.29
N VAL D 227 17.71 6.68 31.70
CA VAL D 227 17.39 5.37 32.25
C VAL D 227 18.08 5.21 33.58
N GLU D 228 19.34 5.60 33.64
CA GLU D 228 20.07 5.51 34.91
C GLU D 228 19.36 6.26 36.03
N ARG D 229 18.82 7.43 35.77
CA ARG D 229 18.06 8.13 36.82
C ARG D 229 16.84 7.37 37.32
N TRP D 230 16.08 6.79 36.40
CA TRP D 230 14.93 5.98 36.77
C TRP D 230 15.37 4.79 37.64
N ILE D 231 16.36 4.04 37.19
CA ILE D 231 16.81 2.90 37.98
C ILE D 231 17.08 3.37 39.40
N SER D 232 17.85 4.43 39.53
CA SER D 232 18.19 4.98 40.83
C SER D 232 16.99 5.30 41.71
N VAL D 233 16.21 6.30 41.31
CA VAL D 233 15.05 6.71 42.10
C VAL D 233 14.04 5.60 42.42
N SER D 234 14.06 4.53 41.64
CA SER D 234 13.08 3.44 41.78
C SER D 234 13.52 2.20 42.60
N GLY D 235 14.81 1.88 42.56
CA GLY D 235 15.29 0.70 43.26
C GLY D 235 14.81 -0.60 42.63
N VAL D 236 14.80 -0.65 41.30
CA VAL D 236 14.41 -1.87 40.60
C VAL D 236 15.60 -2.81 40.56
N ALA D 237 16.80 -2.22 40.45
CA ALA D 237 18.06 -2.96 40.36
C ALA D 237 18.29 -3.83 41.59
N ASP D 238 17.39 -3.69 42.54
CA ASP D 238 17.38 -4.43 43.80
C ASP D 238 17.35 -5.95 43.56
N ASP D 239 16.75 -6.34 42.45
CA ASP D 239 16.66 -7.74 42.04
C ASP D 239 16.83 -7.72 40.53
N PRO D 240 17.95 -8.27 40.08
CA PRO D 240 18.31 -8.25 38.68
C PRO D 240 17.28 -8.97 37.82
N ASN D 241 16.44 -9.76 38.49
CA ASN D 241 15.41 -10.52 37.81
C ASN D 241 14.11 -9.70 37.82
N ASN D 242 14.25 -8.44 38.23
CA ASN D 242 13.14 -7.49 38.26
C ASN D 242 12.94 -6.87 36.89
N TYR D 243 11.69 -6.54 36.58
CA TYR D 243 11.36 -5.89 35.33
C TYR D 243 11.82 -4.44 35.42
N LEU D 244 12.53 -3.95 34.41
CA LEU D 244 12.99 -2.57 34.39
C LEU D 244 11.91 -1.55 34.73
N PHE D 245 10.69 -1.78 34.25
CA PHE D 245 9.57 -0.84 34.47
C PHE D 245 8.50 -1.40 35.41
N CYS D 246 8.05 -0.55 36.35
CA CYS D 246 7.04 -0.95 37.36
C CYS D 246 6.08 0.19 37.72
N ARG D 247 5.07 -0.11 38.53
CA ARG D 247 4.14 0.95 38.95
C ARG D 247 4.86 1.96 39.84
N VAL D 248 4.26 3.13 39.98
CA VAL D 248 4.76 4.17 40.86
C VAL D 248 3.48 4.76 41.40
N ARG D 249 3.27 4.64 42.72
CA ARG D 249 2.03 5.10 43.31
C ARG D 249 1.89 6.60 43.62
N LYS D 250 0.63 7.02 43.81
CA LYS D 250 0.30 8.43 44.04
C LYS D 250 1.32 9.07 44.96
N ASN D 251 1.86 8.27 45.86
CA ASN D 251 2.83 8.71 46.86
C ASN D 251 4.24 8.75 46.32
N GLY D 252 4.36 8.38 45.05
CA GLY D 252 5.63 8.41 44.34
C GLY D 252 6.53 7.22 44.61
N VAL D 253 6.06 6.27 45.41
CA VAL D 253 6.86 5.09 45.67
C VAL D 253 6.65 4.05 44.57
N ALA D 254 7.75 3.70 43.91
CA ALA D 254 7.75 2.70 42.86
C ALA D 254 7.23 1.38 43.45
N ALA D 255 7.19 0.32 42.65
CA ALA D 255 6.74 -0.98 43.14
C ALA D 255 7.34 -2.11 42.31
N PRO D 256 8.66 -2.29 42.43
CA PRO D 256 9.38 -3.30 41.67
C PRO D 256 8.77 -4.69 41.78
N SER D 257 9.00 -5.51 40.77
CA SER D 257 8.47 -6.86 40.72
C SER D 257 9.25 -7.71 39.74
N ALA D 258 9.57 -8.94 40.12
CA ALA D 258 10.26 -9.85 39.22
C ALA D 258 9.23 -10.83 38.68
N THR D 259 7.96 -10.60 39.02
CA THR D 259 6.91 -11.50 38.64
C THR D 259 5.83 -10.83 37.80
N SER D 260 5.57 -9.56 38.05
CA SER D 260 4.55 -8.85 37.28
C SER D 260 5.08 -7.60 36.58
N GLN D 261 4.88 -7.53 35.27
CA GLN D 261 5.32 -6.40 34.49
C GLN D 261 4.34 -5.23 34.60
N LEU D 262 4.76 -4.07 34.11
CA LEU D 262 3.89 -2.95 34.09
C LEU D 262 3.03 -3.30 32.89
N SER D 263 1.73 -3.09 33.08
CA SER D 263 0.80 -3.49 32.05
C SER D 263 0.88 -2.78 30.75
N ASN D 264 0.81 -3.57 29.71
CA ASN D 264 0.85 -3.04 28.36
C ASN D 264 -0.04 -1.87 28.25
N SER D 265 -1.19 -1.92 28.93
CA SER D 265 -2.15 -0.84 28.82
C SER D 265 -1.66 0.43 29.51
N ALA D 266 -0.69 0.27 30.41
CA ALA D 266 -0.13 1.38 31.15
C ALA D 266 0.99 1.98 30.32
N LEU D 267 1.86 1.13 29.78
CA LEU D 267 2.97 1.61 28.97
C LEU D 267 2.44 2.50 27.86
N GLY D 268 1.18 2.30 27.48
CA GLY D 268 0.55 3.08 26.42
C GLY D 268 -0.10 4.38 26.92
N GLY D 269 -0.57 4.37 28.17
CA GLY D 269 -1.19 5.56 28.71
C GLY D 269 -0.07 6.58 28.83
N ILE D 270 1.14 6.09 29.06
CA ILE D 270 2.27 7.00 29.18
C ILE D 270 2.34 7.88 27.96
N PHE D 271 2.11 7.26 26.81
CA PHE D 271 2.11 7.98 25.52
C PHE D 271 0.96 8.95 25.39
N GLY D 272 -0.22 8.52 25.82
CA GLY D 272 -1.39 9.37 25.74
C GLY D 272 -1.27 10.50 26.75
N ALA D 273 -0.81 10.20 27.96
CA ALA D 273 -0.64 11.19 29.03
C ALA D 273 0.32 12.29 28.57
N THR D 274 1.52 11.87 28.14
CA THR D 274 2.54 12.79 27.66
C THR D 274 1.97 13.74 26.62
N HIS D 275 1.14 13.20 25.72
CA HIS D 275 0.54 14.00 24.68
C HIS D 275 -0.49 14.93 25.29
N ARG D 276 -1.15 14.49 26.34
CA ARG D 276 -2.18 15.30 26.96
C ARG D 276 -1.48 16.49 27.59
N LEU D 277 -0.30 16.20 28.10
CA LEU D 277 0.56 17.17 28.80
C LEU D 277 0.89 18.36 27.91
N ILE D 278 1.29 18.08 26.68
CA ILE D 278 1.67 19.11 25.74
C ILE D 278 0.54 19.75 24.94
N TYR D 279 -0.37 18.93 24.40
CA TYR D 279 -1.42 19.44 23.53
C TYR D 279 -2.78 19.50 24.17
N GLY D 280 -2.88 19.06 25.41
CA GLY D 280 -4.17 19.14 26.09
C GLY D 280 -5.03 17.92 25.80
N ALA D 281 -6.27 17.96 26.27
CA ALA D 281 -7.19 16.84 26.14
C ALA D 281 -7.70 16.70 24.72
N LYS D 282 -7.90 15.45 24.31
CA LYS D 282 -8.28 15.13 22.93
C LYS D 282 -9.74 15.23 22.52
N ASP D 283 -9.92 15.32 21.21
CA ASP D 283 -11.20 15.43 20.53
C ASP D 283 -12.30 14.66 21.24
N ASP D 284 -13.53 14.84 20.74
CA ASP D 284 -14.68 14.10 21.25
C ASP D 284 -15.16 13.20 20.10
N SER D 285 -14.45 13.30 18.97
CA SER D 285 -14.74 12.52 17.78
C SER D 285 -14.83 11.01 18.06
N GLY D 286 -13.97 10.53 18.96
CA GLY D 286 -13.92 9.11 19.30
C GLY D 286 -13.03 8.35 18.32
N GLN D 287 -12.34 9.11 17.47
CA GLN D 287 -11.44 8.52 16.49
C GLN D 287 -10.28 7.81 17.18
N ARG D 288 -9.36 7.28 16.38
CA ARG D 288 -8.18 6.60 16.89
C ARG D 288 -7.00 7.44 16.45
N TYR D 289 -5.97 7.50 17.29
CA TYR D 289 -4.75 8.22 16.97
C TYR D 289 -4.89 9.73 17.10
N LEU D 290 -5.65 10.15 18.10
CA LEU D 290 -5.80 11.59 18.37
C LEU D 290 -4.57 12.03 19.17
N ALA D 291 -3.94 11.06 19.82
CA ALA D 291 -2.76 11.30 20.64
C ALA D 291 -1.74 10.21 20.36
N TRP D 292 -0.52 10.36 20.87
CA TRP D 292 0.50 9.36 20.64
C TRP D 292 0.07 8.08 21.34
N SER D 293 0.58 6.95 20.86
CA SER D 293 0.25 5.62 21.39
C SER D 293 1.46 4.73 21.24
N GLY D 294 1.38 3.53 21.79
CA GLY D 294 2.46 2.56 21.74
C GLY D 294 3.31 2.50 20.46
N HIS D 295 2.73 2.73 19.28
CA HIS D 295 3.51 2.63 18.06
C HIS D 295 4.05 3.97 17.58
N SER D 296 3.66 5.02 18.29
CA SER D 296 4.03 6.39 17.94
C SER D 296 5.52 6.64 17.67
N ALA D 297 6.39 6.14 18.54
CA ALA D 297 7.82 6.37 18.39
C ALA D 297 8.52 5.49 17.35
N ARG D 298 7.87 4.38 16.98
CA ARG D 298 8.36 3.44 15.95
C ARG D 298 8.17 4.10 14.60
N VAL D 299 6.96 4.59 14.40
CA VAL D 299 6.62 5.31 13.19
C VAL D 299 7.55 6.51 13.10
N GLY D 300 7.58 7.30 14.18
CA GLY D 300 8.36 8.55 14.27
C GLY D 300 9.86 8.43 14.06
N ALA D 301 10.47 7.43 14.70
CA ALA D 301 11.91 7.18 14.56
C ALA D 301 12.21 6.69 13.14
N ALA D 302 11.47 5.69 12.67
CA ALA D 302 11.66 5.17 11.32
C ALA D 302 11.82 6.38 10.44
N ARG D 303 10.79 7.22 10.43
CA ARG D 303 10.82 8.46 9.66
C ARG D 303 12.08 9.30 9.91
N ASP D 304 12.24 9.79 11.13
CA ASP D 304 13.41 10.63 11.40
C ASP D 304 14.62 10.06 10.68
N MET D 305 14.78 8.75 10.71
CA MET D 305 15.91 8.09 10.07
C MET D 305 15.95 8.33 8.55
N ALA D 306 14.80 8.22 7.89
CA ALA D 306 14.72 8.47 6.47
C ALA D 306 15.28 9.86 6.19
N ARG D 307 14.68 10.88 6.80
CA ARG D 307 15.14 12.26 6.63
C ARG D 307 16.65 12.43 6.78
N ALA D 308 17.19 11.87 7.85
CA ALA D 308 18.60 11.97 8.14
C ALA D 308 19.41 11.38 6.99
N GLY D 309 18.73 10.57 6.18
CA GLY D 309 19.35 9.90 5.04
C GLY D 309 19.85 8.52 5.44
N VAL D 310 19.31 7.95 6.51
CA VAL D 310 19.74 6.62 6.92
C VAL D 310 19.43 5.59 5.82
N SER D 311 20.28 4.58 5.67
CA SER D 311 20.05 3.58 4.63
C SER D 311 18.93 2.62 4.98
N ILE D 312 18.01 2.42 4.04
CA ILE D 312 16.89 1.52 4.27
C ILE D 312 17.39 0.28 5.01
N PRO D 313 18.42 -0.36 4.46
CA PRO D 313 18.99 -1.52 5.11
C PRO D 313 19.15 -1.21 6.60
N GLU D 314 19.59 0.01 6.88
CA GLU D 314 19.82 0.42 8.27
C GLU D 314 18.52 0.79 8.98
N ILE D 315 17.67 1.57 8.32
CA ILE D 315 16.39 1.91 8.92
C ILE D 315 15.69 0.63 9.36
N MET D 316 15.88 -0.45 8.60
CA MET D 316 15.22 -1.73 8.88
C MET D 316 15.78 -2.48 10.08
N GLN D 317 17.07 -2.36 10.30
CA GLN D 317 17.69 -3.02 11.43
C GLN D 317 17.17 -2.35 12.69
N ALA D 318 17.15 -1.01 12.67
CA ALA D 318 16.68 -0.22 13.79
C ALA D 318 15.37 -0.76 14.30
N GLY D 319 14.44 -1.02 13.38
CA GLY D 319 13.13 -1.53 13.76
C GLY D 319 13.05 -3.05 13.84
N GLY D 320 14.13 -3.74 13.47
CA GLY D 320 14.17 -5.20 13.54
C GLY D 320 13.33 -5.88 12.46
N TRP D 321 12.87 -5.10 11.49
CA TRP D 321 12.08 -5.65 10.40
C TRP D 321 12.99 -6.56 9.57
N THR D 322 12.40 -7.51 8.86
CA THR D 322 13.18 -8.34 7.95
C THR D 322 12.69 -8.07 6.54
N ASN D 323 11.79 -7.09 6.40
CA ASN D 323 11.20 -6.74 5.11
C ASN D 323 11.18 -5.22 4.87
N VAL D 324 10.60 -4.75 3.76
CA VAL D 324 10.62 -3.32 3.44
C VAL D 324 9.33 -2.50 3.39
N ASN D 325 8.17 -3.15 3.54
CA ASN D 325 6.88 -2.47 3.39
C ASN D 325 6.33 -1.59 4.52
N ILE D 326 6.37 -2.08 5.77
CA ILE D 326 5.92 -1.28 6.91
C ILE D 326 6.72 -0.01 6.80
N VAL D 327 8.03 -0.23 6.86
CA VAL D 327 9.05 0.80 6.74
C VAL D 327 8.64 1.78 5.67
N MET D 328 8.27 1.26 4.50
CA MET D 328 7.85 2.11 3.40
C MET D 328 6.63 2.94 3.80
N ASN D 329 5.64 2.27 4.38
CA ASN D 329 4.39 2.90 4.78
C ASN D 329 4.63 4.09 5.71
N TYR D 330 5.47 3.90 6.72
CA TYR D 330 5.75 4.96 7.66
C TYR D 330 6.30 6.26 6.99
N ILE D 331 6.53 6.23 5.68
CA ILE D 331 7.02 7.40 4.90
C ILE D 331 6.12 7.76 3.68
N ARG D 332 5.54 8.97 3.59
CA ARG D 332 4.62 9.27 2.47
C ARG D 332 4.14 10.66 1.94
N ASN D 333 3.41 11.43 2.76
CA ASN D 333 2.86 12.74 2.35
C ASN D 333 2.28 13.49 3.53
N THR D 338 9.03 18.21 -0.46
CA THR D 338 9.67 17.74 -1.69
C THR D 338 9.52 18.80 -2.77
N GLY D 339 9.01 18.37 -3.94
CA GLY D 339 8.77 19.28 -5.05
C GLY D 339 9.96 19.39 -6.00
N ALA D 340 10.49 18.25 -6.44
CA ALA D 340 11.63 18.24 -7.35
C ALA D 340 11.31 18.86 -8.72
N MET D 341 10.04 18.76 -9.11
CA MET D 341 9.53 19.23 -10.42
C MET D 341 9.40 20.72 -10.58
N VAL D 342 8.61 21.32 -9.69
CA VAL D 342 8.40 22.76 -9.72
C VAL D 342 9.80 23.32 -9.73
N ARG D 343 10.65 22.69 -8.94
CA ARG D 343 12.04 23.07 -8.86
C ARG D 343 12.78 22.66 -10.14
N LEU D 344 12.11 21.90 -11.00
CA LEU D 344 12.66 21.56 -12.30
C LEU D 344 12.07 22.43 -13.43
N LEU D 345 10.88 23.02 -13.23
CA LEU D 345 10.40 23.89 -14.31
C LEU D 345 10.56 25.39 -14.03
N GLU D 346 11.57 25.75 -13.24
CA GLU D 346 11.88 27.15 -12.97
C GLU D 346 13.39 27.36 -13.19
N ASP D 347 13.89 26.57 -14.15
CA ASP D 347 15.29 26.50 -14.60
C ASP D 347 16.39 27.35 -13.99
#